data_2YHF
#
_entry.id   2YHF
#
_cell.length_a   109.109
_cell.length_b   109.109
_cell.length_c   84.879
_cell.angle_alpha   90.00
_cell.angle_beta   90.00
_cell.angle_gamma   120.00
#
_symmetry.space_group_name_H-M   'P 31'
#
loop_
_entity.id
_entity.type
_entity.pdbx_description
1 polymer 'C-TYPE LECTIN DOMAIN FAMILY 5 MEMBER A'
2 water water
#
_entity_poly.entity_id   1
_entity_poly.type   'polypeptide(L)'
_entity_poly.pdbx_seq_one_letter_code
;MCPKDWEFYQARCFFLSTSESSWNESRDFCKGKGSTLAIVNTPEKLKFLQDITDAEKYFIGLIYHREEKRWRWINNSVFN
GNVTNQNQNFNCATIGLTKTFDAASCDISYRRICEKNA
;
_entity_poly.pdbx_strand_id   A,B,C,D,E,F,G,H,I
#
# COMPACT_ATOMS: atom_id res chain seq x y z
N MET A 1 -15.21 -11.44 -3.79
CA MET A 1 -13.81 -11.92 -3.56
C MET A 1 -12.85 -11.34 -4.59
N CYS A 2 -11.56 -11.48 -4.33
CA CYS A 2 -10.53 -11.03 -5.26
C CYS A 2 -10.39 -12.01 -6.41
N PRO A 3 -9.73 -11.60 -7.51
CA PRO A 3 -9.36 -12.55 -8.57
C PRO A 3 -8.48 -13.68 -8.03
N LYS A 4 -8.40 -14.79 -8.77
CA LYS A 4 -7.50 -15.89 -8.41
C LYS A 4 -6.05 -15.39 -8.28
N ASP A 5 -5.39 -15.85 -7.21
CA ASP A 5 -3.99 -15.50 -6.89
C ASP A 5 -3.81 -14.14 -6.19
N TRP A 6 -4.91 -13.42 -5.99
CA TRP A 6 -4.91 -12.15 -5.28
C TRP A 6 -5.50 -12.33 -3.88
N GLU A 7 -5.13 -11.45 -2.96
CA GLU A 7 -5.48 -11.63 -1.56
C GLU A 7 -6.23 -10.42 -1.00
N PHE A 8 -7.34 -10.71 -0.33
CA PHE A 8 -8.28 -9.72 0.18
C PHE A 8 -7.85 -9.14 1.53
N TYR A 9 -7.97 -7.81 1.64
CA TYR A 9 -7.85 -7.13 2.92
C TYR A 9 -8.58 -5.79 2.84
N GLN A 10 -9.64 -5.69 3.64
CA GLN A 10 -10.44 -4.47 3.79
C GLN A 10 -10.79 -3.79 2.45
N ALA A 11 -11.59 -4.50 1.64
CA ALA A 11 -12.11 -4.01 0.36
C ALA A 11 -11.07 -3.82 -0.75
N ARG A 12 -9.84 -4.28 -0.50
CA ARG A 12 -8.78 -4.19 -1.50
C ARG A 12 -8.14 -5.54 -1.78
N CYS A 13 -7.56 -5.67 -2.97
CA CYS A 13 -6.96 -6.93 -3.42
C CYS A 13 -5.46 -6.78 -3.67
N PHE A 14 -4.66 -7.66 -3.06
CA PHE A 14 -3.21 -7.59 -3.19
C PHE A 14 -2.60 -8.79 -3.91
N PHE A 15 -1.57 -8.52 -4.72
CA PHE A 15 -0.84 -9.54 -5.46
C PHE A 15 0.65 -9.47 -5.17
N LEU A 16 1.21 -10.59 -4.72
CA LEU A 16 2.64 -10.71 -4.45
C LEU A 16 3.31 -11.50 -5.57
N SER A 17 4.17 -10.83 -6.34
CA SER A 17 4.82 -11.49 -7.46
C SER A 17 5.88 -12.48 -6.98
N THR A 18 6.22 -13.43 -7.85
CA THR A 18 7.37 -14.28 -7.64
C THR A 18 8.51 -13.76 -8.50
N SER A 19 8.16 -13.21 -9.66
CA SER A 19 9.12 -12.60 -10.59
C SER A 19 9.67 -11.27 -10.07
N GLU A 20 10.92 -10.97 -10.42
CA GLU A 20 11.59 -9.72 -10.05
C GLU A 20 11.81 -8.84 -11.27
N SER A 21 11.67 -7.54 -11.09
CA SER A 21 11.98 -6.56 -12.14
C SER A 21 12.22 -5.18 -11.52
N SER A 22 12.57 -4.21 -12.35
CA SER A 22 12.81 -2.84 -11.89
C SER A 22 11.51 -2.16 -11.45
N TRP A 23 11.59 -0.98 -10.84
CA TRP A 23 10.37 -0.32 -10.37
C TRP A 23 9.42 -0.01 -11.53
N ASN A 24 9.95 0.56 -12.60
CA ASN A 24 9.13 0.91 -13.78
C ASN A 24 8.50 -0.31 -14.44
N GLU A 25 9.28 -1.37 -14.54
CA GLU A 25 8.81 -2.64 -15.06
C GLU A 25 7.72 -3.22 -14.15
N SER A 26 7.86 -3.03 -12.84
CA SER A 26 6.87 -3.47 -11.85
C SER A 26 5.58 -2.66 -11.98
N ARG A 27 5.73 -1.35 -12.17
CA ARG A 27 4.61 -0.45 -12.49
C ARG A 27 3.86 -0.95 -13.73
N ASP A 28 4.62 -1.34 -14.77
CA ASP A 28 4.04 -1.87 -16.01
C ASP A 28 3.37 -3.23 -15.82
N PHE A 29 3.97 -4.12 -15.03
CA PHE A 29 3.35 -5.40 -14.69
C PHE A 29 2.02 -5.21 -13.95
N CYS A 30 2.00 -4.37 -12.90
CA CYS A 30 0.78 -4.13 -12.13
C CYS A 30 -0.32 -3.52 -13.00
N LYS A 31 0.05 -2.55 -13.84
CA LYS A 31 -0.88 -1.95 -14.80
C LYS A 31 -1.44 -3.02 -15.75
N GLY A 32 -0.60 -3.98 -16.12
CA GLY A 32 -1.01 -5.11 -16.97
C GLY A 32 -2.12 -5.94 -16.35
N LYS A 33 -2.32 -5.79 -15.04
CA LYS A 33 -3.39 -6.46 -14.30
C LYS A 33 -4.41 -5.45 -13.78
N GLY A 34 -4.40 -4.24 -14.35
CA GLY A 34 -5.34 -3.20 -13.96
C GLY A 34 -5.20 -2.77 -12.51
N SER A 35 -3.95 -2.74 -12.05
CA SER A 35 -3.64 -2.40 -10.66
C SER A 35 -2.49 -1.38 -10.60
N THR A 36 -2.13 -1.00 -9.38
CA THR A 36 -1.00 -0.12 -9.13
C THR A 36 -0.14 -0.70 -8.01
N LEU A 37 1.10 -0.25 -7.89
CA LEU A 37 1.96 -0.69 -6.80
C LEU A 37 1.35 -0.27 -5.45
N ALA A 38 1.43 -1.17 -4.47
CA ALA A 38 0.66 -1.08 -3.22
C ALA A 38 0.91 0.19 -2.40
N ILE A 39 -0.16 0.79 -1.91
CA ILE A 39 -0.08 1.90 -0.96
C ILE A 39 -0.27 1.32 0.45
N VAL A 40 0.79 1.43 1.24
CA VAL A 40 0.87 0.76 2.54
C VAL A 40 0.89 1.85 3.62
N ASN A 41 -0.20 2.64 3.68
CA ASN A 41 -0.24 3.88 4.48
C ASN A 41 -0.90 3.83 5.87
N THR A 42 -1.11 2.63 6.40
CA THR A 42 -1.63 2.46 7.77
C THR A 42 -0.86 1.33 8.46
N PRO A 43 -0.80 1.35 9.81
CA PRO A 43 -0.24 0.25 10.58
C PRO A 43 -0.83 -1.11 10.19
N GLU A 44 -2.14 -1.14 9.98
CA GLU A 44 -2.87 -2.38 9.68
C GLU A 44 -2.45 -2.98 8.33
N LYS A 45 -2.31 -2.12 7.32
CA LYS A 45 -1.86 -2.53 5.99
C LYS A 45 -0.40 -2.99 5.99
N LEU A 46 0.47 -2.25 6.65
CA LEU A 46 1.88 -2.65 6.75
C LEU A 46 2.01 -4.04 7.37
N LYS A 47 1.25 -4.25 8.44
CA LYS A 47 1.25 -5.52 9.15
C LYS A 47 0.65 -6.67 8.32
N PHE A 48 -0.46 -6.41 7.64
CA PHE A 48 -1.08 -7.41 6.77
C PHE A 48 -0.09 -7.93 5.72
N LEU A 49 0.62 -7.01 5.08
CA LEU A 49 1.57 -7.39 4.04
C LEU A 49 2.85 -8.03 4.58
N GLN A 50 3.43 -7.46 5.64
CA GLN A 50 4.64 -8.04 6.25
C GLN A 50 4.42 -9.48 6.70
N ASP A 51 3.20 -9.76 7.14
CA ASP A 51 2.84 -11.11 7.59
C ASP A 51 2.88 -12.17 6.50
N ILE A 52 2.75 -11.76 5.23
CA ILE A 52 2.70 -12.70 4.11
C ILE A 52 3.86 -12.59 3.11
N THR A 53 4.64 -11.51 3.18
CA THR A 53 5.82 -11.37 2.32
C THR A 53 6.92 -12.34 2.79
N ASP A 54 7.10 -12.39 4.11
CA ASP A 54 8.12 -13.20 4.77
C ASP A 54 9.56 -12.75 4.49
N ALA A 55 10.32 -13.55 3.74
CA ALA A 55 11.79 -13.38 3.64
C ALA A 55 12.32 -12.88 2.29
N GLU A 56 11.52 -12.11 1.57
CA GLU A 56 11.98 -11.47 0.33
C GLU A 56 11.52 -10.00 0.32
N LYS A 57 12.18 -9.17 -0.50
CA LYS A 57 11.88 -7.74 -0.55
C LYS A 57 10.99 -7.38 -1.75
N TYR A 58 10.05 -6.46 -1.54
CA TYR A 58 9.03 -6.12 -2.53
C TYR A 58 8.90 -4.61 -2.76
N PHE A 59 8.98 -4.18 -4.03
CA PHE A 59 8.64 -2.79 -4.38
C PHE A 59 7.20 -2.50 -4.03
N ILE A 60 6.95 -1.32 -3.45
CA ILE A 60 5.59 -0.83 -3.25
C ILE A 60 5.45 0.55 -3.91
N GLY A 61 4.27 1.14 -3.80
CA GLY A 61 3.96 2.41 -4.46
C GLY A 61 4.41 3.61 -3.66
N LEU A 62 5.70 3.66 -3.35
CA LEU A 62 6.30 4.70 -2.52
C LEU A 62 7.58 5.16 -3.19
N ILE A 63 7.64 6.44 -3.53
CA ILE A 63 8.78 6.97 -4.27
C ILE A 63 9.21 8.31 -3.72
N TYR A 64 10.49 8.65 -3.92
CA TYR A 64 11.04 9.92 -3.47
C TYR A 64 10.81 11.01 -4.51
N HIS A 65 10.41 12.19 -4.04
CA HIS A 65 10.19 13.34 -4.91
C HIS A 65 11.28 14.39 -4.73
N ARG A 66 12.27 14.30 -5.60
CA ARG A 66 13.36 15.24 -5.79
C ARG A 66 13.00 16.72 -5.57
N GLU A 67 11.89 17.12 -6.17
CA GLU A 67 11.45 18.50 -6.22
C GLU A 67 10.74 18.96 -4.95
N GLU A 68 10.43 18.01 -4.06
CA GLU A 68 9.68 18.27 -2.84
C GLU A 68 10.52 18.00 -1.59
N LYS A 69 11.62 17.26 -1.77
CA LYS A 69 12.45 16.74 -0.67
C LYS A 69 11.65 15.90 0.33
N ARG A 70 10.72 15.11 -0.22
CA ARG A 70 9.94 14.15 0.56
C ARG A 70 9.58 12.94 -0.28
N TRP A 71 9.23 11.86 0.42
CA TRP A 71 8.65 10.69 -0.20
C TRP A 71 7.13 10.92 -0.31
N ARG A 72 6.53 10.34 -1.34
CA ARG A 72 5.09 10.36 -1.53
C ARG A 72 4.59 8.98 -1.93
N TRP A 73 3.39 8.65 -1.47
CA TRP A 73 2.61 7.54 -2.01
C TRP A 73 2.18 7.87 -3.44
N ILE A 74 2.09 6.84 -4.30
CA ILE A 74 1.77 7.07 -5.72
C ILE A 74 0.30 7.47 -5.98
N ASN A 75 -0.52 7.50 -4.93
CA ASN A 75 -1.85 8.11 -5.03
C ASN A 75 -1.81 9.62 -4.74
N ASN A 76 -0.60 10.18 -4.72
CA ASN A 76 -0.39 11.61 -4.45
C ASN A 76 -0.87 11.97 -3.04
N SER A 77 -0.27 11.35 -2.05
CA SER A 77 -0.36 11.78 -0.66
C SER A 77 1.06 11.74 -0.11
N VAL A 78 1.34 12.57 0.89
CA VAL A 78 2.67 12.59 1.51
C VAL A 78 2.92 11.27 2.23
N PHE A 79 4.18 10.84 2.25
CA PHE A 79 4.57 9.64 2.98
C PHE A 79 4.44 9.89 4.47
N ASN A 80 3.81 8.96 5.18
CA ASN A 80 3.52 9.11 6.60
C ASN A 80 4.35 8.23 7.53
N GLY A 81 5.39 7.59 7.00
CA GLY A 81 6.26 6.73 7.80
C GLY A 81 7.71 7.16 7.77
N ASN A 82 8.61 6.25 8.14
CA ASN A 82 10.05 6.46 8.02
C ASN A 82 10.66 5.45 7.07
N VAL A 83 11.49 5.93 6.15
CA VAL A 83 12.25 5.09 5.23
C VAL A 83 13.67 5.00 5.77
N THR A 84 14.21 3.78 5.82
CA THR A 84 15.59 3.58 6.29
C THR A 84 16.63 3.72 5.18
N ASN A 85 17.86 4.04 5.57
CA ASN A 85 19.04 3.99 4.70
C ASN A 85 18.93 4.83 3.43
N GLN A 86 18.42 6.05 3.59
CA GLN A 86 18.30 6.99 2.49
C GLN A 86 19.67 7.51 2.06
N ASN A 87 19.82 7.73 0.76
CA ASN A 87 21.03 8.33 0.19
C ASN A 87 20.70 9.03 -1.13
N GLN A 88 21.55 9.99 -1.50
CA GLN A 88 21.32 10.82 -2.70
C GLN A 88 20.95 10.02 -3.96
N ASN A 89 21.21 8.72 -3.95
CA ASN A 89 20.98 7.88 -5.13
C ASN A 89 19.63 7.15 -5.21
N PHE A 90 19.09 6.69 -4.07
CA PHE A 90 17.90 5.82 -4.10
C PHE A 90 16.58 6.58 -4.02
N ASN A 91 15.69 6.29 -4.96
CA ASN A 91 14.43 7.02 -5.12
C ASN A 91 13.20 6.11 -5.00
N CYS A 92 13.45 4.84 -4.70
CA CYS A 92 12.40 3.85 -4.52
C CYS A 92 12.50 3.19 -3.14
N ALA A 93 11.55 2.30 -2.84
CA ALA A 93 11.51 1.64 -1.53
C ALA A 93 10.85 0.28 -1.58
N THR A 94 11.28 -0.60 -0.67
CA THR A 94 10.72 -1.94 -0.52
C THR A 94 10.18 -2.18 0.89
N ILE A 95 9.33 -3.20 1.05
CA ILE A 95 9.05 -3.80 2.36
C ILE A 95 9.32 -5.31 2.29
N GLY A 96 9.15 -6.02 3.41
CA GLY A 96 9.44 -7.45 3.47
C GLY A 96 10.83 -7.73 4.03
N LEU A 97 11.01 -8.91 4.63
CA LEU A 97 12.25 -9.31 5.32
C LEU A 97 12.52 -8.52 6.61
N THR A 98 12.79 -7.23 6.46
CA THR A 98 12.98 -6.32 7.60
C THR A 98 11.63 -5.96 8.21
N LYS A 99 11.65 -5.16 9.27
CA LYS A 99 10.43 -4.69 9.91
C LYS A 99 10.05 -3.29 9.43
N THR A 100 10.76 -2.79 8.42
CA THR A 100 10.73 -1.37 8.05
C THR A 100 10.50 -1.10 6.56
N PHE A 101 10.21 0.16 6.24
CA PHE A 101 10.28 0.68 4.87
C PHE A 101 11.74 0.96 4.58
N ASP A 102 12.25 0.44 3.46
CA ASP A 102 13.69 0.55 3.16
C ASP A 102 13.98 1.12 1.77
N ALA A 103 14.78 2.17 1.73
CA ALA A 103 15.18 2.77 0.45
C ALA A 103 15.84 1.77 -0.49
N ALA A 104 15.52 1.86 -1.77
CA ALA A 104 16.09 0.98 -2.78
C ALA A 104 16.31 1.71 -4.10
N SER A 105 17.27 1.22 -4.88
CA SER A 105 17.49 1.72 -6.23
C SER A 105 16.31 1.31 -7.11
N CYS A 106 15.78 2.28 -7.85
CA CYS A 106 14.66 2.04 -8.76
C CYS A 106 15.04 1.11 -9.90
N ASP A 107 16.34 0.99 -10.16
CA ASP A 107 16.89 0.25 -11.29
C ASP A 107 17.23 -1.21 -10.98
N ILE A 108 17.29 -1.55 -9.69
CA ILE A 108 17.54 -2.91 -9.23
C ILE A 108 16.25 -3.72 -9.28
N SER A 109 16.38 -5.03 -9.52
CA SER A 109 15.24 -5.93 -9.65
C SER A 109 14.72 -6.43 -8.31
N TYR A 110 13.43 -6.20 -8.07
CA TYR A 110 12.76 -6.76 -6.90
C TYR A 110 11.41 -7.33 -7.30
N ARG A 111 10.86 -8.18 -6.45
CA ARG A 111 9.46 -8.58 -6.54
C ARG A 111 8.58 -7.34 -6.28
N ARG A 112 7.27 -7.48 -6.47
CA ARG A 112 6.36 -6.35 -6.38
C ARG A 112 5.07 -6.75 -5.71
N ILE A 113 4.41 -5.78 -5.08
CA ILE A 113 3.05 -5.97 -4.60
C ILE A 113 2.13 -5.02 -5.36
N CYS A 114 1.20 -5.59 -6.11
CA CYS A 114 0.19 -4.82 -6.81
C CYS A 114 -1.07 -4.74 -5.96
N GLU A 115 -1.89 -3.74 -6.22
CA GLU A 115 -3.10 -3.51 -5.45
C GLU A 115 -4.18 -2.91 -6.34
N LYS A 116 -5.38 -3.47 -6.23
CA LYS A 116 -6.56 -2.87 -6.85
C LYS A 116 -7.78 -3.06 -5.94
N ASN A 117 -8.87 -2.36 -6.27
CA ASN A 117 -10.13 -2.51 -5.55
C ASN A 117 -10.79 -3.87 -5.77
N ALA A 118 -11.38 -4.41 -4.71
CA ALA A 118 -12.18 -5.62 -4.78
C ALA A 118 -13.49 -5.30 -5.50
N MET B 1 -22.03 -35.52 -18.76
CA MET B 1 -22.92 -35.65 -17.58
C MET B 1 -22.15 -36.17 -16.38
N CYS B 2 -22.46 -35.64 -15.20
CA CYS B 2 -21.83 -36.06 -13.96
C CYS B 2 -22.32 -37.45 -13.53
N PRO B 3 -21.57 -38.12 -12.65
CA PRO B 3 -22.07 -39.38 -12.06
C PRO B 3 -23.39 -39.15 -11.29
N LYS B 4 -24.16 -40.22 -11.09
CA LYS B 4 -25.38 -40.16 -10.29
C LYS B 4 -25.13 -39.51 -8.93
N ASP B 5 -26.02 -38.60 -8.55
CA ASP B 5 -25.98 -37.85 -7.28
C ASP B 5 -25.00 -36.67 -7.28
N TRP B 6 -24.24 -36.49 -8.36
CA TRP B 6 -23.36 -35.32 -8.50
C TRP B 6 -24.01 -34.26 -9.38
N GLU B 7 -23.55 -33.02 -9.24
CA GLU B 7 -24.18 -31.89 -9.92
C GLU B 7 -23.20 -31.08 -10.75
N PHE B 8 -23.60 -30.79 -11.99
CA PHE B 8 -22.75 -30.16 -13.00
C PHE B 8 -22.71 -28.64 -12.83
N TYR B 9 -21.49 -28.10 -12.90
CA TYR B 9 -21.32 -26.66 -13.07
C TYR B 9 -19.99 -26.38 -13.76
N GLN B 10 -20.08 -25.74 -14.93
CA GLN B 10 -18.94 -25.29 -15.72
C GLN B 10 -17.79 -26.31 -15.82
N ALA B 11 -18.14 -27.47 -16.38
CA ALA B 11 -17.20 -28.58 -16.64
C ALA B 11 -16.71 -29.30 -15.38
N ARG B 12 -17.35 -29.04 -14.24
CA ARG B 12 -17.00 -29.68 -12.98
C ARG B 12 -18.22 -30.33 -12.33
N CYS B 13 -17.97 -31.37 -11.56
CA CYS B 13 -19.05 -32.09 -10.86
C CYS B 13 -18.91 -31.95 -9.35
N PHE B 14 -20.02 -31.56 -8.70
CA PHE B 14 -20.04 -31.37 -7.24
C PHE B 14 -20.95 -32.37 -6.51
N PHE B 15 -20.50 -32.84 -5.36
CA PHE B 15 -21.32 -33.68 -4.46
C PHE B 15 -21.54 -33.03 -3.10
N LEU B 16 -22.79 -32.77 -2.76
CA LEU B 16 -23.16 -32.25 -1.45
C LEU B 16 -23.64 -33.40 -0.60
N SER B 17 -22.86 -33.76 0.41
CA SER B 17 -23.17 -34.91 1.24
C SER B 17 -24.30 -34.60 2.21
N THR B 18 -24.95 -35.65 2.71
CA THR B 18 -25.89 -35.52 3.82
C THR B 18 -25.21 -35.92 5.13
N SER B 19 -24.25 -36.85 5.04
CA SER B 19 -23.48 -37.28 6.21
C SER B 19 -22.50 -36.20 6.67
N GLU B 20 -22.31 -36.14 7.99
CA GLU B 20 -21.49 -35.13 8.65
C GLU B 20 -20.24 -35.79 9.26
N SER B 21 -19.10 -35.13 9.14
CA SER B 21 -17.83 -35.66 9.67
C SER B 21 -16.79 -34.55 9.76
N SER B 22 -15.65 -34.87 10.39
CA SER B 22 -14.56 -33.91 10.54
C SER B 22 -13.92 -33.59 9.18
N TRP B 23 -13.01 -32.61 9.17
CA TRP B 23 -12.39 -32.19 7.91
C TRP B 23 -11.53 -33.31 7.31
N ASN B 24 -10.70 -33.94 8.14
CA ASN B 24 -9.84 -35.05 7.69
C ASN B 24 -10.68 -36.19 7.14
N GLU B 25 -11.78 -36.48 7.82
CA GLU B 25 -12.73 -37.51 7.41
C GLU B 25 -13.46 -37.10 6.12
N SER B 26 -13.77 -35.81 6.00
CA SER B 26 -14.38 -35.28 4.79
C SER B 26 -13.43 -35.39 3.59
N ARG B 27 -12.17 -35.03 3.82
CA ARG B 27 -11.09 -35.17 2.85
C ARG B 27 -10.97 -36.60 2.30
N ASP B 28 -10.99 -37.58 3.21
CA ASP B 28 -10.82 -38.97 2.83
C ASP B 28 -12.02 -39.48 2.03
N PHE B 29 -13.22 -39.10 2.44
CA PHE B 29 -14.45 -39.43 1.70
C PHE B 29 -14.44 -38.93 0.26
N CYS B 30 -14.12 -37.65 0.07
CA CYS B 30 -13.98 -37.08 -1.28
C CYS B 30 -12.90 -37.83 -2.08
N LYS B 31 -11.76 -38.08 -1.44
CA LYS B 31 -10.65 -38.83 -2.04
C LYS B 31 -11.10 -40.21 -2.50
N GLY B 32 -11.95 -40.85 -1.70
CA GLY B 32 -12.50 -42.16 -2.04
C GLY B 32 -13.47 -42.16 -3.19
N LYS B 33 -13.75 -40.99 -3.75
CA LYS B 33 -14.58 -40.87 -4.95
C LYS B 33 -13.85 -40.18 -6.10
N GLY B 34 -12.52 -40.16 -6.02
CA GLY B 34 -11.70 -39.54 -7.07
C GLY B 34 -11.86 -38.04 -7.13
N SER B 35 -12.19 -37.43 -5.98
CA SER B 35 -12.44 -36.00 -5.89
C SER B 35 -11.70 -35.35 -4.74
N THR B 36 -11.82 -34.03 -4.65
CA THR B 36 -11.27 -33.25 -3.54
C THR B 36 -12.36 -32.38 -2.96
N LEU B 37 -12.12 -31.86 -1.76
CA LEU B 37 -13.01 -30.86 -1.20
C LEU B 37 -13.00 -29.65 -2.11
N ALA B 38 -14.17 -29.06 -2.33
CA ALA B 38 -14.37 -28.09 -3.41
C ALA B 38 -13.51 -26.83 -3.29
N ILE B 39 -13.04 -26.37 -4.44
CA ILE B 39 -12.30 -25.12 -4.53
C ILE B 39 -13.27 -24.04 -5.02
N VAL B 40 -13.63 -23.15 -4.11
CA VAL B 40 -14.70 -22.19 -4.36
C VAL B 40 -14.11 -20.79 -4.60
N ASN B 41 -13.34 -20.66 -5.69
CA ASN B 41 -12.46 -19.51 -5.89
C ASN B 41 -12.91 -18.45 -6.89
N THR B 42 -14.19 -18.51 -7.28
CA THR B 42 -14.80 -17.46 -8.10
C THR B 42 -16.17 -17.08 -7.52
N PRO B 43 -16.63 -15.83 -7.77
CA PRO B 43 -17.97 -15.43 -7.35
C PRO B 43 -19.08 -16.35 -7.89
N GLU B 44 -18.93 -16.78 -9.14
CA GLU B 44 -19.90 -17.68 -9.79
C GLU B 44 -20.01 -19.02 -9.09
N LYS B 45 -18.86 -19.63 -8.80
CA LYS B 45 -18.78 -20.92 -8.08
C LYS B 45 -19.38 -20.82 -6.69
N LEU B 46 -19.08 -19.73 -5.99
CA LEU B 46 -19.62 -19.50 -4.66
C LEU B 46 -21.13 -19.35 -4.72
N LYS B 47 -21.61 -18.59 -5.70
CA LYS B 47 -23.04 -18.37 -5.88
C LYS B 47 -23.77 -19.68 -6.19
N PHE B 48 -23.23 -20.45 -7.13
CA PHE B 48 -23.81 -21.74 -7.51
C PHE B 48 -23.99 -22.68 -6.31
N LEU B 49 -22.96 -22.79 -5.48
CA LEU B 49 -23.00 -23.70 -4.34
C LEU B 49 -23.88 -23.19 -3.20
N GLN B 50 -23.83 -21.89 -2.95
CA GLN B 50 -24.67 -21.28 -1.92
C GLN B 50 -26.15 -21.48 -2.22
N ASP B 51 -26.51 -21.34 -3.49
CA ASP B 51 -27.89 -21.52 -3.94
C ASP B 51 -28.44 -22.92 -3.67
N ILE B 52 -27.60 -23.95 -3.76
CA ILE B 52 -28.08 -25.34 -3.58
C ILE B 52 -27.81 -25.93 -2.20
N THR B 53 -26.99 -25.26 -1.38
CA THR B 53 -26.76 -25.73 -0.02
C THR B 53 -28.03 -25.64 0.80
N ASP B 54 -28.24 -26.62 1.66
CA ASP B 54 -29.29 -26.56 2.66
C ASP B 54 -28.89 -25.49 3.65
N ALA B 55 -29.80 -25.11 4.54
CA ALA B 55 -29.46 -24.22 5.65
C ALA B 55 -28.57 -24.99 6.63
N GLU B 56 -27.43 -25.43 6.11
CA GLU B 56 -26.42 -26.17 6.85
C GLU B 56 -25.06 -25.70 6.38
N LYS B 57 -24.05 -25.91 7.21
CA LYS B 57 -22.68 -25.55 6.87
C LYS B 57 -21.98 -26.75 6.23
N TYR B 58 -21.12 -26.47 5.24
CA TYR B 58 -20.41 -27.51 4.50
C TYR B 58 -18.91 -27.22 4.49
N PHE B 59 -18.10 -28.18 4.93
CA PHE B 59 -16.64 -28.11 4.71
C PHE B 59 -16.33 -28.04 3.21
N ILE B 60 -15.40 -27.16 2.85
CA ILE B 60 -14.83 -27.09 1.49
C ILE B 60 -13.30 -27.20 1.55
N GLY B 61 -12.65 -27.21 0.39
CA GLY B 61 -11.18 -27.34 0.29
C GLY B 61 -10.45 -26.05 0.57
N LEU B 62 -10.61 -25.55 1.80
CA LEU B 62 -10.04 -24.28 2.23
C LEU B 62 -9.54 -24.38 3.66
N ILE B 63 -8.23 -24.23 3.85
CA ILE B 63 -7.64 -24.42 5.16
C ILE B 63 -6.61 -23.31 5.51
N TYR B 64 -6.39 -23.13 6.81
CA TYR B 64 -5.45 -22.12 7.30
C TYR B 64 -4.04 -22.70 7.39
N HIS B 65 -3.07 -21.95 6.88
CA HIS B 65 -1.66 -22.33 6.95
C HIS B 65 -0.94 -21.50 8.02
N ARG B 66 -0.80 -22.07 9.21
CA ARG B 66 -0.17 -21.40 10.35
C ARG B 66 1.30 -21.01 10.09
N GLU B 67 1.95 -21.75 9.19
CA GLU B 67 3.33 -21.50 8.81
C GLU B 67 3.49 -20.30 7.85
N GLU B 68 2.37 -19.85 7.27
CA GLU B 68 2.36 -18.76 6.29
C GLU B 68 1.54 -17.55 6.75
N LYS B 69 0.74 -17.75 7.80
CA LYS B 69 -0.24 -16.75 8.27
C LYS B 69 -1.22 -16.32 7.17
N ARG B 70 -1.63 -17.30 6.37
CA ARG B 70 -2.69 -17.12 5.39
C ARG B 70 -3.48 -18.40 5.20
N TRP B 71 -4.65 -18.25 4.61
CA TRP B 71 -5.46 -19.38 4.15
C TRP B 71 -5.04 -19.78 2.74
N ARG B 72 -5.18 -21.07 2.43
CA ARG B 72 -4.96 -21.58 1.07
C ARG B 72 -6.05 -22.57 0.64
N TRP B 73 -6.35 -22.52 -0.66
CA TRP B 73 -7.14 -23.58 -1.29
C TRP B 73 -6.28 -24.85 -1.33
N ILE B 74 -6.93 -26.00 -1.32
CA ILE B 74 -6.21 -27.29 -1.24
C ILE B 74 -5.49 -27.71 -2.52
N ASN B 75 -5.70 -26.98 -3.62
CA ASN B 75 -4.86 -27.15 -4.82
C ASN B 75 -3.58 -26.32 -4.73
N ASN B 76 -3.31 -25.81 -3.54
CA ASN B 76 -2.11 -25.02 -3.24
C ASN B 76 -2.08 -23.68 -3.98
N SER B 77 -3.19 -22.95 -3.90
CA SER B 77 -3.24 -21.56 -4.35
C SER B 77 -3.73 -20.71 -3.19
N VAL B 78 -3.31 -19.45 -3.16
CA VAL B 78 -3.70 -18.57 -2.07
C VAL B 78 -5.20 -18.33 -2.05
N PHE B 79 -5.76 -18.25 -0.84
CA PHE B 79 -7.17 -17.90 -0.67
C PHE B 79 -7.42 -16.48 -1.16
N ASN B 80 -8.45 -16.31 -1.99
CA ASN B 80 -8.72 -15.03 -2.63
C ASN B 80 -9.92 -14.27 -2.05
N GLY B 81 -10.57 -14.86 -1.04
CA GLY B 81 -11.70 -14.20 -0.39
C GLY B 81 -11.43 -13.73 1.04
N ASN B 82 -12.50 -13.56 1.80
CA ASN B 82 -12.43 -13.22 3.22
C ASN B 82 -13.04 -14.35 4.05
N VAL B 83 -12.37 -14.74 5.11
CA VAL B 83 -12.93 -15.70 6.08
C VAL B 83 -13.41 -14.92 7.30
N THR B 84 -14.65 -15.16 7.72
CA THR B 84 -15.22 -14.47 8.88
C THR B 84 -14.93 -15.18 10.19
N ASN B 85 -15.03 -14.43 11.28
CA ASN B 85 -14.85 -14.92 12.66
C ASN B 85 -13.63 -15.84 12.87
N GLN B 86 -12.47 -15.32 12.48
CA GLN B 86 -11.21 -16.03 12.66
C GLN B 86 -10.69 -15.92 14.09
N ASN B 87 -10.03 -16.97 14.56
CA ASN B 87 -9.33 -16.93 15.85
C ASN B 87 -8.04 -17.76 15.84
N GLN B 88 -7.55 -18.15 17.02
CA GLN B 88 -6.30 -18.90 17.13
C GLN B 88 -6.52 -20.41 16.99
N ASN B 89 -7.78 -20.83 17.13
CA ASN B 89 -8.11 -22.26 17.22
C ASN B 89 -8.77 -22.87 15.98
N PHE B 90 -9.32 -22.03 15.09
CA PHE B 90 -10.01 -22.55 13.90
C PHE B 90 -9.14 -22.48 12.65
N ASN B 91 -8.97 -23.63 12.00
CA ASN B 91 -8.06 -23.77 10.87
C ASN B 91 -8.75 -24.27 9.61
N CYS B 92 -10.07 -24.42 9.70
CA CYS B 92 -10.91 -24.85 8.59
C CYS B 92 -12.03 -23.85 8.33
N ALA B 93 -12.79 -24.07 7.27
CA ALA B 93 -13.80 -23.09 6.85
C ALA B 93 -14.98 -23.76 6.14
N THR B 94 -16.17 -23.19 6.35
CA THR B 94 -17.40 -23.70 5.73
C THR B 94 -18.10 -22.64 4.88
N ILE B 95 -18.99 -23.10 4.01
CA ILE B 95 -19.97 -22.23 3.36
C ILE B 95 -21.36 -22.85 3.60
N GLY B 96 -22.40 -22.08 3.29
CA GLY B 96 -23.77 -22.51 3.55
C GLY B 96 -24.30 -21.80 4.78
N LEU B 97 -25.61 -21.55 4.79
CA LEU B 97 -26.27 -20.85 5.88
C LEU B 97 -26.09 -19.33 5.75
N THR B 98 -24.84 -18.88 5.80
CA THR B 98 -24.49 -17.47 5.60
C THR B 98 -24.15 -17.20 4.13
N LYS B 99 -23.84 -15.93 3.84
CA LYS B 99 -23.39 -15.52 2.50
C LYS B 99 -21.87 -15.54 2.41
N THR B 100 -21.22 -16.04 3.46
CA THR B 100 -19.78 -15.82 3.66
C THR B 100 -18.99 -17.11 3.91
N PHE B 101 -17.67 -17.06 3.65
CA PHE B 101 -16.76 -18.12 4.10
C PHE B 101 -16.58 -17.94 5.60
N ASP B 102 -16.86 -18.98 6.37
CA ASP B 102 -16.86 -18.85 7.83
C ASP B 102 -15.88 -19.81 8.49
N ALA B 103 -15.01 -19.29 9.35
CA ALA B 103 -14.05 -20.12 10.07
C ALA B 103 -14.73 -21.18 10.94
N ALA B 104 -14.14 -22.37 10.99
CA ALA B 104 -14.69 -23.51 11.72
C ALA B 104 -13.57 -24.39 12.27
N SER B 105 -13.84 -25.07 13.38
CA SER B 105 -12.93 -26.09 13.89
C SER B 105 -12.90 -27.26 12.91
N CYS B 106 -11.69 -27.71 12.59
CA CYS B 106 -11.50 -28.85 11.71
C CYS B 106 -12.01 -30.16 12.31
N ASP B 107 -12.28 -30.13 13.62
CA ASP B 107 -12.63 -31.35 14.36
C ASP B 107 -14.13 -31.49 14.65
N ILE B 108 -14.91 -30.45 14.32
CA ILE B 108 -16.38 -30.49 14.39
C ILE B 108 -16.89 -31.20 13.12
N SER B 109 -17.96 -31.98 13.27
CA SER B 109 -18.55 -32.71 12.15
C SER B 109 -19.53 -31.83 11.38
N TYR B 110 -19.26 -31.67 10.08
CA TYR B 110 -20.16 -30.97 9.16
C TYR B 110 -20.31 -31.80 7.89
N ARG B 111 -21.27 -31.43 7.05
CA ARG B 111 -21.38 -31.98 5.70
C ARG B 111 -20.19 -31.49 4.86
N ARG B 112 -20.04 -32.04 3.67
CA ARG B 112 -18.93 -31.68 2.80
C ARG B 112 -19.40 -31.46 1.36
N ILE B 113 -18.61 -30.73 0.60
CA ILE B 113 -18.79 -30.67 -0.85
C ILE B 113 -17.52 -31.21 -1.49
N CYS B 114 -17.69 -32.26 -2.28
CA CYS B 114 -16.60 -32.80 -3.08
C CYS B 114 -16.70 -32.28 -4.51
N GLU B 115 -15.57 -32.29 -5.21
CA GLU B 115 -15.48 -31.71 -6.54
C GLU B 115 -14.49 -32.49 -7.39
N LYS B 116 -14.91 -32.83 -8.61
CA LYS B 116 -14.00 -33.39 -9.62
C LYS B 116 -14.41 -32.95 -11.02
N ASN B 117 -13.54 -33.20 -11.99
CA ASN B 117 -13.83 -32.86 -13.38
C ASN B 117 -14.96 -33.69 -13.98
N ALA B 118 -15.74 -33.04 -14.84
CA ALA B 118 -16.78 -33.72 -15.62
C ALA B 118 -16.14 -34.58 -16.71
N MET C 1 4.01 4.29 12.40
CA MET C 1 3.91 5.40 11.41
C MET C 1 2.94 6.47 11.89
N CYS C 2 3.03 7.64 11.25
CA CYS C 2 2.11 8.74 11.53
C CYS C 2 0.77 8.49 10.84
N PRO C 3 -0.29 9.20 11.30
CA PRO C 3 -1.56 9.19 10.59
C PRO C 3 -1.42 9.70 9.16
N LYS C 4 -2.39 9.37 8.31
CA LYS C 4 -2.40 9.82 6.92
C LYS C 4 -2.33 11.35 6.86
N ASP C 5 -1.47 11.85 5.96
CA ASP C 5 -1.25 13.29 5.75
C ASP C 5 -0.26 13.92 6.73
N TRP C 6 0.17 13.15 7.72
CA TRP C 6 1.17 13.59 8.70
C TRP C 6 2.53 13.02 8.35
N GLU C 7 3.59 13.75 8.73
CA GLU C 7 4.95 13.43 8.29
C GLU C 7 5.88 13.21 9.48
N PHE C 8 6.63 12.11 9.41
CA PHE C 8 7.44 11.61 10.52
C PHE C 8 8.82 12.24 10.56
N TYR C 9 9.25 12.62 11.75
CA TYR C 9 10.62 13.04 12.00
C TYR C 9 10.96 12.88 13.48
N GLN C 10 11.99 12.08 13.75
CA GLN C 10 12.52 11.85 15.11
C GLN C 10 11.46 11.59 16.19
N ALA C 11 10.61 10.59 15.96
CA ALA C 11 9.57 10.13 16.90
C ALA C 11 8.35 11.05 17.02
N ARG C 12 8.30 12.09 16.19
CA ARG C 12 7.22 13.08 16.21
C ARG C 12 6.54 13.10 14.84
N CYS C 13 5.26 13.48 14.82
CA CYS C 13 4.47 13.55 13.58
C CYS C 13 4.06 15.00 13.32
N PHE C 14 4.24 15.49 12.09
CA PHE C 14 3.94 16.89 11.74
C PHE C 14 2.84 17.04 10.69
N PHE C 15 2.00 18.07 10.85
CA PHE C 15 0.94 18.36 9.90
C PHE C 15 1.06 19.78 9.36
N LEU C 16 1.30 19.89 8.05
CA LEU C 16 1.36 21.17 7.36
C LEU C 16 0.01 21.47 6.73
N SER C 17 -0.73 22.40 7.34
CA SER C 17 -2.08 22.74 6.88
C SER C 17 -2.07 23.52 5.57
N THR C 18 -3.21 23.48 4.89
CA THR C 18 -3.42 24.28 3.68
C THR C 18 -4.33 25.47 4.02
N SER C 19 -5.21 25.28 5.00
CA SER C 19 -6.06 26.37 5.49
C SER C 19 -5.25 27.37 6.34
N GLU C 20 -5.70 28.62 6.31
CA GLU C 20 -5.08 29.71 7.07
C GLU C 20 -6.03 30.17 8.16
N SER C 21 -5.48 30.53 9.32
CA SER C 21 -6.23 31.18 10.40
C SER C 21 -5.29 31.90 11.35
N SER C 22 -5.86 32.66 12.30
CA SER C 22 -5.12 33.32 13.39
C SER C 22 -4.36 32.31 14.26
N TRP C 23 -3.52 32.81 15.18
CA TRP C 23 -2.72 31.91 16.01
C TRP C 23 -3.62 31.06 16.92
N ASN C 24 -4.54 31.71 17.62
CA ASN C 24 -5.44 31.02 18.56
C ASN C 24 -6.30 29.97 17.86
N GLU C 25 -6.77 30.33 16.67
CA GLU C 25 -7.56 29.42 15.84
C GLU C 25 -6.71 28.23 15.39
N SER C 26 -5.42 28.49 15.12
CA SER C 26 -4.47 27.44 14.75
C SER C 26 -4.17 26.52 15.94
N ARG C 27 -4.03 27.12 17.12
CA ARG C 27 -3.95 26.37 18.38
C ARG C 27 -5.14 25.42 18.51
N ASP C 28 -6.33 25.94 18.23
CA ASP C 28 -7.57 25.16 18.32
C ASP C 28 -7.67 24.06 17.26
N PHE C 29 -7.25 24.39 16.04
CA PHE C 29 -7.20 23.42 14.95
C PHE C 29 -6.27 22.25 15.27
N CYS C 30 -5.05 22.54 15.72
CA CYS C 30 -4.10 21.50 16.14
C CYS C 30 -4.67 20.68 17.30
N LYS C 31 -5.36 21.35 18.23
CA LYS C 31 -6.02 20.67 19.36
C LYS C 31 -7.07 19.67 18.90
N GLY C 32 -7.82 20.03 17.87
CA GLY C 32 -8.85 19.17 17.30
C GLY C 32 -8.29 17.88 16.71
N LYS C 33 -6.99 17.85 16.46
CA LYS C 33 -6.31 16.66 15.97
C LYS C 33 -5.32 16.09 17.00
N GLY C 34 -5.57 16.43 18.27
CA GLY C 34 -4.78 15.90 19.38
C GLY C 34 -3.32 16.31 19.34
N SER C 35 -3.06 17.50 18.80
CA SER C 35 -1.70 18.00 18.60
C SER C 35 -1.53 19.44 19.09
N THR C 36 -0.29 19.92 19.03
CA THR C 36 0.05 21.29 19.42
C THR C 36 0.85 21.94 18.29
N LEU C 37 0.96 23.26 18.33
CA LEU C 37 1.75 23.99 17.34
C LEU C 37 3.23 23.65 17.56
N ALA C 38 3.94 23.43 16.45
CA ALA C 38 5.23 22.73 16.46
C ALA C 38 6.34 23.47 17.20
N ILE C 39 7.14 22.71 17.95
CA ILE C 39 8.33 23.23 18.61
C ILE C 39 9.57 22.92 17.78
N VAL C 40 10.21 23.97 17.31
CA VAL C 40 11.27 23.89 16.31
C VAL C 40 12.59 24.32 16.96
N ASN C 41 13.01 23.56 17.98
CA ASN C 41 14.12 23.96 18.87
C ASN C 41 15.50 23.36 18.62
N THR C 42 15.70 22.73 17.46
CA THR C 42 17.03 22.30 17.01
C THR C 42 17.25 22.74 15.55
N PRO C 43 18.52 22.86 15.12
CA PRO C 43 18.78 23.14 13.70
C PRO C 43 18.25 22.05 12.77
N GLU C 44 18.32 20.80 13.24
CA GLU C 44 17.82 19.64 12.51
C GLU C 44 16.31 19.75 12.25
N LYS C 45 15.55 20.13 13.28
CA LYS C 45 14.10 20.31 13.17
C LYS C 45 13.74 21.47 12.24
N LEU C 46 14.41 22.60 12.41
CA LEU C 46 14.21 23.74 11.51
C LEU C 46 14.42 23.39 10.05
N LYS C 47 15.53 22.69 9.74
CA LYS C 47 15.84 22.30 8.37
C LYS C 47 14.78 21.36 7.80
N PHE C 48 14.47 20.31 8.55
CA PHE C 48 13.42 19.38 8.14
C PHE C 48 12.17 20.15 7.70
N LEU C 49 11.67 21.01 8.58
CA LEU C 49 10.42 21.72 8.34
C LEU C 49 10.51 22.74 7.20
N GLN C 50 11.67 23.39 7.08
CA GLN C 50 11.89 24.37 6.00
C GLN C 50 11.95 23.68 4.64
N ASP C 51 12.51 22.47 4.62
CA ASP C 51 12.62 21.69 3.39
C ASP C 51 11.25 21.33 2.78
N ILE C 52 10.23 21.22 3.64
CA ILE C 52 8.91 20.74 3.19
C ILE C 52 7.83 21.82 3.19
N THR C 53 8.09 22.93 3.87
CA THR C 53 7.19 24.08 3.85
C THR C 53 7.27 24.85 2.52
N ASP C 54 8.47 24.89 1.93
CA ASP C 54 8.75 25.64 0.70
C ASP C 54 8.47 27.14 0.83
N ALA C 55 7.60 27.66 -0.05
CA ALA C 55 7.36 29.10 -0.20
C ALA C 55 6.04 29.60 0.39
N GLU C 56 5.72 29.14 1.59
CA GLU C 56 4.58 29.65 2.35
C GLU C 56 5.00 29.81 3.80
N LYS C 57 4.36 30.72 4.52
CA LYS C 57 4.68 30.98 5.92
C LYS C 57 3.68 30.29 6.84
N TYR C 58 4.21 29.63 7.88
CA TYR C 58 3.42 28.84 8.84
C TYR C 58 3.65 29.26 10.28
N PHE C 59 2.55 29.42 11.03
CA PHE C 59 2.62 29.55 12.48
C PHE C 59 3.23 28.29 13.12
N ILE C 60 4.02 28.50 14.17
CA ILE C 60 4.56 27.42 15.01
C ILE C 60 4.33 27.78 16.48
N GLY C 61 4.67 26.86 17.39
CA GLY C 61 4.44 27.04 18.82
C GLY C 61 5.48 27.92 19.50
N LEU C 62 5.55 29.17 19.05
CA LEU C 62 6.54 30.13 19.52
C LEU C 62 5.89 31.49 19.69
N ILE C 63 5.85 31.98 20.93
CA ILE C 63 5.16 33.23 21.22
C ILE C 63 5.97 34.13 22.16
N TYR C 64 5.69 35.43 22.09
CA TYR C 64 6.42 36.40 22.90
C TYR C 64 5.78 36.56 24.25
N HIS C 65 6.61 36.56 25.30
CA HIS C 65 6.14 36.71 26.67
C HIS C 65 6.44 38.10 27.24
N ARG C 66 5.41 38.94 27.15
CA ARG C 66 5.32 40.27 27.74
C ARG C 66 6.01 40.39 29.11
N GLU C 67 5.66 39.48 29.99
CA GLU C 67 6.07 39.51 31.39
C GLU C 67 7.53 39.10 31.62
N GLU C 68 8.14 38.51 30.60
CA GLU C 68 9.50 38.00 30.67
C GLU C 68 10.47 38.73 29.73
N LYS C 69 9.92 39.50 28.80
CA LYS C 69 10.68 40.17 27.75
C LYS C 69 11.49 39.19 26.91
N ARG C 70 10.87 38.05 26.61
CA ARG C 70 11.50 37.05 25.76
C ARG C 70 10.42 36.23 25.05
N TRP C 71 10.84 35.53 24.00
CA TRP C 71 10.01 34.54 23.35
C TRP C 71 10.13 33.21 24.10
N ARG C 72 9.10 32.38 24.04
CA ARG C 72 9.11 31.06 24.65
C ARG C 72 8.43 30.03 23.75
N TRP C 73 8.99 28.82 23.74
CA TRP C 73 8.33 27.67 23.13
C TRP C 73 7.11 27.31 23.94
N ILE C 74 6.04 26.87 23.27
CA ILE C 74 4.78 26.59 23.98
C ILE C 74 4.82 25.36 24.90
N ASN C 75 5.97 24.67 24.94
CA ASN C 75 6.20 23.63 25.94
C ASN C 75 6.86 24.18 27.21
N ASN C 76 6.89 25.50 27.34
CA ASN C 76 7.40 26.19 28.52
C ASN C 76 8.91 25.99 28.61
N SER C 77 9.60 26.45 27.57
CA SER C 77 11.06 26.54 27.56
C SER C 77 11.41 27.80 26.82
N VAL C 78 12.55 28.41 27.17
CA VAL C 78 12.97 29.65 26.53
C VAL C 78 13.29 29.42 25.05
N PHE C 79 13.05 30.45 24.23
CA PHE C 79 13.34 30.38 22.81
C PHE C 79 14.85 30.45 22.59
N ASN C 80 15.38 29.52 21.80
CA ASN C 80 16.83 29.38 21.64
C ASN C 80 17.41 29.90 20.33
N GLY C 81 16.56 30.53 19.50
CA GLY C 81 17.01 31.12 18.24
C GLY C 81 16.93 32.63 18.18
N ASN C 82 16.92 33.15 16.95
CA ASN C 82 16.71 34.58 16.71
C ASN C 82 15.41 34.78 15.93
N VAL C 83 14.58 35.71 16.40
CA VAL C 83 13.39 36.12 15.66
C VAL C 83 13.71 37.43 14.96
N THR C 84 13.35 37.51 13.68
CA THR C 84 13.59 38.70 12.87
C THR C 84 12.46 39.70 12.98
N ASN C 85 12.76 40.97 12.69
CA ASN C 85 11.77 42.04 12.61
C ASN C 85 10.75 42.05 13.75
N GLN C 86 11.26 42.10 14.97
CA GLN C 86 10.43 42.20 16.16
C GLN C 86 9.90 43.62 16.33
N ASN C 87 8.71 43.73 16.93
CA ASN C 87 8.17 45.03 17.36
C ASN C 87 7.21 44.91 18.56
N GLN C 88 6.82 46.05 19.12
CA GLN C 88 5.97 46.12 20.30
C GLN C 88 4.62 45.39 20.14
N ASN C 89 4.24 45.10 18.89
CA ASN C 89 2.89 44.60 18.61
C ASN C 89 2.80 43.13 18.23
N PHE C 90 3.80 42.60 17.52
CA PHE C 90 3.78 41.19 17.09
C PHE C 90 4.26 40.26 18.20
N ASN C 91 3.39 39.32 18.57
CA ASN C 91 3.66 38.41 19.68
C ASN C 91 3.72 36.95 19.25
N CYS C 92 3.59 36.73 17.94
CA CYS C 92 3.68 35.39 17.35
C CYS C 92 4.80 35.33 16.32
N ALA C 93 4.99 34.16 15.71
CA ALA C 93 6.14 33.92 14.83
C ALA C 93 5.87 32.82 13.80
N THR C 94 6.45 32.98 12.61
CA THR C 94 6.33 31.99 11.54
C THR C 94 7.69 31.43 11.09
N ILE C 95 7.65 30.27 10.43
CA ILE C 95 8.78 29.81 9.62
C ILE C 95 8.29 29.53 8.20
N GLY C 96 9.22 29.28 7.28
CA GLY C 96 8.88 29.04 5.89
C GLY C 96 9.12 30.26 5.02
N LEU C 97 9.44 30.01 3.75
CA LEU C 97 9.81 31.02 2.75
C LEU C 97 11.22 31.55 2.99
N THR C 98 11.38 32.29 4.09
CA THR C 98 12.70 32.73 4.54
C THR C 98 13.48 31.57 5.15
N LYS C 99 14.72 31.83 5.55
CA LYS C 99 15.54 30.85 6.26
C LYS C 99 15.48 31.05 7.78
N THR C 100 14.59 31.94 8.23
CA THR C 100 14.62 32.45 9.61
C THR C 100 13.30 32.28 10.36
N PHE C 101 13.33 32.49 11.68
CA PHE C 101 12.13 32.68 12.49
C PHE C 101 11.71 34.15 12.34
N ASP C 102 10.47 34.38 11.92
CA ASP C 102 9.99 35.72 11.61
C ASP C 102 8.79 36.13 12.47
N ALA C 103 8.89 37.28 13.13
CA ALA C 103 7.80 37.76 13.98
C ALA C 103 6.54 38.04 13.15
N ALA C 104 5.38 37.73 13.71
CA ALA C 104 4.11 37.92 13.02
C ALA C 104 2.98 38.30 13.97
N SER C 105 1.99 39.02 13.45
CA SER C 105 0.79 39.34 14.21
C SER C 105 0.03 38.06 14.48
N CYS C 106 -0.32 37.84 15.75
CA CYS C 106 -1.11 36.69 16.18
C CYS C 106 -2.53 36.74 15.60
N ASP C 107 -2.90 37.92 15.09
CA ASP C 107 -4.25 38.15 14.57
C ASP C 107 -4.32 38.04 13.04
N ILE C 108 -3.17 37.93 12.39
CA ILE C 108 -3.14 37.72 10.94
C ILE C 108 -3.25 36.22 10.65
N SER C 109 -3.89 35.87 9.55
CA SER C 109 -4.10 34.46 9.20
C SER C 109 -2.91 33.86 8.49
N TYR C 110 -2.44 32.72 8.99
CA TYR C 110 -1.41 31.94 8.33
C TYR C 110 -1.74 30.45 8.39
N ARG C 111 -1.03 29.67 7.58
CA ARG C 111 -1.07 28.21 7.70
C ARG C 111 -0.39 27.81 9.03
N ARG C 112 -0.54 26.55 9.41
CA ARG C 112 -0.04 26.07 10.70
C ARG C 112 0.76 24.77 10.56
N ILE C 113 1.71 24.57 11.45
CA ILE C 113 2.33 23.26 11.60
C ILE C 113 1.95 22.72 12.97
N CYS C 114 1.26 21.58 12.95
CA CYS C 114 0.92 20.87 14.17
C CYS C 114 1.88 19.72 14.39
N GLU C 115 1.97 19.30 15.64
CA GLU C 115 2.92 18.28 16.03
C GLU C 115 2.37 17.44 17.17
N LYS C 116 2.57 16.12 17.06
CA LYS C 116 2.23 15.20 18.14
C LYS C 116 3.18 14.00 18.15
N ASN C 117 3.17 13.26 19.26
CA ASN C 117 3.96 12.04 19.38
C ASN C 117 3.54 11.02 18.34
N ALA C 118 4.52 10.35 17.75
CA ALA C 118 4.27 9.22 16.87
C ALA C 118 3.65 8.08 17.68
N MET D 1 30.34 -16.52 15.03
CA MET D 1 29.75 -16.36 16.39
C MET D 1 28.25 -16.11 16.35
N CYS D 2 27.51 -16.91 17.11
CA CYS D 2 26.07 -16.71 17.31
C CYS D 2 25.80 -15.52 18.24
N PRO D 3 24.55 -15.01 18.25
CA PRO D 3 24.16 -14.01 19.24
C PRO D 3 24.29 -14.56 20.66
N LYS D 4 24.35 -13.67 21.65
CA LYS D 4 24.43 -14.08 23.06
C LYS D 4 23.29 -15.04 23.39
N ASP D 5 23.63 -16.11 24.10
CA ASP D 5 22.67 -17.12 24.57
C ASP D 5 22.16 -18.06 23.46
N TRP D 6 22.72 -17.94 22.26
CA TRP D 6 22.47 -18.88 21.17
C TRP D 6 23.67 -19.82 21.07
N GLU D 7 23.41 -21.08 20.71
CA GLU D 7 24.47 -22.07 20.66
C GLU D 7 24.72 -22.54 19.22
N PHE D 8 25.99 -22.66 18.87
CA PHE D 8 26.42 -23.01 17.51
C PHE D 8 26.46 -24.52 17.27
N TYR D 9 25.95 -24.94 16.11
CA TYR D 9 26.14 -26.30 15.63
C TYR D 9 26.14 -26.32 14.10
N GLN D 10 27.22 -26.87 13.53
CA GLN D 10 27.38 -27.03 12.08
C GLN D 10 26.72 -25.91 11.26
N ALA D 11 27.28 -24.70 11.41
CA ALA D 11 26.88 -23.51 10.66
C ALA D 11 25.49 -22.97 10.96
N ARG D 12 24.89 -23.43 12.05
CA ARG D 12 23.58 -22.95 12.51
C ARG D 12 23.64 -22.50 13.97
N CYS D 13 22.77 -21.54 14.32
CA CYS D 13 22.66 -21.06 15.69
C CYS D 13 21.28 -21.39 16.25
N PHE D 14 21.25 -21.93 17.47
CA PHE D 14 20.00 -22.34 18.10
C PHE D 14 19.73 -21.61 19.41
N PHE D 15 18.47 -21.17 19.58
CA PHE D 15 18.01 -20.55 20.81
C PHE D 15 17.00 -21.43 21.54
N LEU D 16 17.26 -21.71 22.81
CA LEU D 16 16.37 -22.51 23.66
C LEU D 16 15.62 -21.57 24.60
N SER D 17 14.32 -21.41 24.37
CA SER D 17 13.52 -20.47 25.16
C SER D 17 13.35 -20.93 26.60
N THR D 18 13.21 -19.98 27.52
CA THR D 18 12.90 -20.29 28.92
C THR D 18 11.42 -20.07 29.17
N SER D 19 10.81 -19.22 28.34
CA SER D 19 9.39 -18.95 28.38
C SER D 19 8.62 -19.97 27.54
N GLU D 20 7.32 -20.06 27.80
CA GLU D 20 6.48 -21.05 27.15
C GLU D 20 5.30 -20.36 26.48
N SER D 21 4.88 -20.89 25.34
CA SER D 21 3.75 -20.34 24.58
C SER D 21 3.29 -21.31 23.49
N SER D 22 2.12 -21.02 22.92
CA SER D 22 1.54 -21.80 21.83
C SER D 22 2.41 -21.73 20.58
N TRP D 23 2.15 -22.63 19.63
CA TRP D 23 2.95 -22.68 18.42
C TRP D 23 2.93 -21.37 17.63
N ASN D 24 1.72 -20.81 17.45
CA ASN D 24 1.55 -19.56 16.71
C ASN D 24 2.33 -18.40 17.33
N GLU D 25 2.32 -18.34 18.66
CA GLU D 25 3.10 -17.35 19.40
C GLU D 25 4.60 -17.57 19.25
N SER D 26 5.01 -18.85 19.30
CA SER D 26 6.41 -19.23 19.19
C SER D 26 6.98 -18.93 17.81
N ARG D 27 6.17 -19.14 16.78
CA ARG D 27 6.53 -18.76 15.41
C ARG D 27 6.80 -17.26 15.32
N ASP D 28 5.92 -16.45 15.92
CA ASP D 28 6.07 -14.99 15.96
C ASP D 28 7.30 -14.56 16.79
N PHE D 29 7.57 -15.32 17.85
CA PHE D 29 8.71 -15.11 18.73
C PHE D 29 10.05 -15.25 17.99
N CYS D 30 10.22 -16.36 17.27
CA CYS D 30 11.43 -16.62 16.52
C CYS D 30 11.62 -15.59 15.38
N LYS D 31 10.51 -15.23 14.75
CA LYS D 31 10.49 -14.25 13.66
C LYS D 31 11.07 -12.91 14.11
N GLY D 32 10.67 -12.47 15.30
CA GLY D 32 11.14 -11.22 15.88
C GLY D 32 12.64 -11.20 16.14
N LYS D 33 13.24 -12.39 16.24
CA LYS D 33 14.67 -12.52 16.45
C LYS D 33 15.40 -12.89 15.15
N GLY D 34 14.74 -12.63 14.02
CA GLY D 34 15.31 -12.90 12.70
C GLY D 34 15.55 -14.38 12.42
N SER D 35 14.68 -15.22 12.98
CA SER D 35 14.88 -16.67 12.95
C SER D 35 13.60 -17.41 12.60
N THR D 36 13.67 -18.75 12.64
CA THR D 36 12.48 -19.60 12.48
C THR D 36 12.53 -20.67 13.55
N LEU D 37 11.40 -21.35 13.78
CA LEU D 37 11.40 -22.55 14.60
C LEU D 37 12.29 -23.58 13.91
N ALA D 38 12.98 -24.38 14.71
CA ALA D 38 14.09 -25.20 14.23
C ALA D 38 13.68 -26.31 13.26
N ILE D 39 14.50 -26.47 12.21
CA ILE D 39 14.39 -27.57 11.25
C ILE D 39 15.35 -28.68 11.70
N VAL D 40 14.81 -29.72 12.33
CA VAL D 40 15.62 -30.80 12.90
C VAL D 40 15.57 -32.03 11.99
N ASN D 41 16.20 -31.90 10.82
CA ASN D 41 16.05 -32.89 9.75
C ASN D 41 17.21 -33.89 9.57
N THR D 42 18.09 -33.98 10.58
CA THR D 42 19.12 -35.03 10.62
C THR D 42 19.20 -35.65 12.01
N PRO D 43 19.64 -36.92 12.09
CA PRO D 43 19.84 -37.53 13.41
C PRO D 43 20.86 -36.77 14.26
N GLU D 44 21.83 -36.15 13.60
CA GLU D 44 22.89 -35.39 14.28
C GLU D 44 22.34 -34.09 14.89
N LYS D 45 21.44 -33.43 14.16
CA LYS D 45 20.76 -32.23 14.65
C LYS D 45 19.82 -32.61 15.81
N LEU D 46 19.13 -33.74 15.67
CA LEU D 46 18.25 -34.25 16.72
C LEU D 46 19.04 -34.50 18.01
N LYS D 47 20.19 -35.16 17.87
CA LYS D 47 21.05 -35.52 19.00
C LYS D 47 21.55 -34.28 19.72
N PHE D 48 22.12 -33.35 18.95
CA PHE D 48 22.63 -32.09 19.49
C PHE D 48 21.58 -31.40 20.34
N LEU D 49 20.39 -31.19 19.77
CA LEU D 49 19.35 -30.45 20.45
C LEU D 49 18.81 -31.20 21.66
N GLN D 50 18.64 -32.52 21.54
CA GLN D 50 18.27 -33.35 22.68
C GLN D 50 19.28 -33.17 23.82
N ASP D 51 20.56 -33.15 23.48
CA ASP D 51 21.64 -33.01 24.46
C ASP D 51 21.68 -31.64 25.16
N ILE D 52 21.43 -30.57 24.41
CA ILE D 52 21.52 -29.22 24.98
C ILE D 52 20.22 -28.74 25.67
N THR D 53 19.10 -29.41 25.41
CA THR D 53 17.82 -29.04 26.02
C THR D 53 17.67 -29.53 27.46
N ASP D 54 16.83 -28.83 28.23
CA ASP D 54 16.37 -29.29 29.53
C ASP D 54 15.45 -30.50 29.34
N ALA D 55 15.07 -31.14 30.45
CA ALA D 55 14.15 -32.28 30.40
C ALA D 55 12.71 -31.79 30.19
N GLU D 56 12.47 -31.12 29.05
CA GLU D 56 11.17 -30.52 28.75
C GLU D 56 10.82 -30.68 27.27
N LYS D 57 9.55 -30.51 26.93
CA LYS D 57 9.12 -30.51 25.54
C LYS D 57 9.32 -29.12 24.92
N TYR D 58 9.83 -29.09 23.69
CA TYR D 58 10.11 -27.86 22.96
C TYR D 58 9.47 -27.90 21.57
N PHE D 59 8.67 -26.88 21.23
CA PHE D 59 8.19 -26.72 19.85
C PHE D 59 9.35 -26.54 18.87
N ILE D 60 9.23 -27.18 17.71
CA ILE D 60 10.15 -27.00 16.58
C ILE D 60 9.35 -26.69 15.32
N GLY D 61 10.04 -26.52 14.19
CA GLY D 61 9.39 -26.06 12.95
C GLY D 61 8.79 -27.20 12.15
N LEU D 62 7.88 -27.94 12.80
CA LEU D 62 7.32 -29.18 12.26
C LEU D 62 5.82 -29.24 12.49
N ILE D 63 5.06 -29.24 11.39
CA ILE D 63 3.60 -29.16 11.48
C ILE D 63 2.90 -30.12 10.51
N TYR D 64 1.67 -30.50 10.86
CA TYR D 64 0.90 -31.43 10.03
C TYR D 64 0.16 -30.68 8.93
N HIS D 65 0.26 -31.21 7.71
CA HIS D 65 -0.49 -30.65 6.59
C HIS D 65 -1.67 -31.56 6.26
N ARG D 66 -2.83 -31.24 6.83
CA ARG D 66 -4.06 -32.00 6.65
C ARG D 66 -4.36 -32.27 5.18
N GLU D 67 -4.17 -31.23 4.35
CA GLU D 67 -4.45 -31.30 2.92
C GLU D 67 -3.56 -32.28 2.16
N GLU D 68 -2.41 -32.60 2.74
CA GLU D 68 -1.39 -33.43 2.12
C GLU D 68 -1.28 -34.80 2.78
N LYS D 69 -1.96 -34.96 3.92
CA LYS D 69 -1.86 -36.16 4.75
C LYS D 69 -0.41 -36.47 5.14
N ARG D 70 0.40 -35.41 5.30
CA ARG D 70 1.79 -35.56 5.74
C ARG D 70 2.21 -34.42 6.65
N TRP D 71 3.29 -34.65 7.40
CA TRP D 71 4.00 -33.59 8.12
C TRP D 71 5.00 -32.91 7.21
N ARG D 72 5.24 -31.61 7.42
CA ARG D 72 6.27 -30.87 6.70
C ARG D 72 7.12 -30.02 7.62
N TRP D 73 8.40 -29.86 7.28
CA TRP D 73 9.24 -28.85 7.91
C TRP D 73 8.75 -27.51 7.42
N ILE D 74 8.77 -26.48 8.28
CA ILE D 74 8.20 -25.19 7.89
C ILE D 74 9.00 -24.44 6.80
N ASN D 75 10.13 -25.02 6.40
CA ASN D 75 10.90 -24.50 5.25
C ASN D 75 10.41 -25.07 3.92
N ASN D 76 9.22 -25.69 3.96
CA ASN D 76 8.62 -26.38 2.82
C ASN D 76 9.51 -27.50 2.26
N SER D 77 9.75 -28.50 3.09
CA SER D 77 10.33 -29.78 2.69
C SER D 77 9.56 -30.83 3.46
N VAL D 78 9.42 -32.03 2.89
CA VAL D 78 8.66 -33.08 3.56
C VAL D 78 9.39 -33.57 4.81
N PHE D 79 8.62 -33.96 5.83
CA PHE D 79 9.17 -34.48 7.06
C PHE D 79 9.79 -35.86 6.83
N ASN D 80 11.00 -36.06 7.35
CA ASN D 80 11.78 -37.27 7.07
C ASN D 80 11.94 -38.23 8.26
N GLY D 81 11.30 -37.91 9.37
CA GLY D 81 11.31 -38.79 10.55
C GLY D 81 9.98 -39.49 10.79
N ASN D 82 9.76 -39.86 12.04
CA ASN D 82 8.56 -40.56 12.49
C ASN D 82 7.99 -39.81 13.69
N VAL D 83 6.71 -39.46 13.62
CA VAL D 83 6.06 -38.72 14.70
C VAL D 83 5.29 -39.69 15.58
N THR D 84 5.60 -39.70 16.87
CA THR D 84 4.92 -40.60 17.79
C THR D 84 3.56 -40.06 18.22
N ASN D 85 2.69 -40.97 18.64
CA ASN D 85 1.41 -40.65 19.27
C ASN D 85 0.56 -39.66 18.47
N GLN D 86 0.39 -39.97 17.20
CA GLN D 86 -0.45 -39.17 16.32
C GLN D 86 -1.92 -39.48 16.58
N ASN D 87 -2.76 -38.47 16.43
CA ASN D 87 -4.21 -38.62 16.43
C ASN D 87 -4.83 -37.45 15.65
N GLN D 88 -6.14 -37.51 15.43
CA GLN D 88 -6.83 -36.50 14.60
C GLN D 88 -6.64 -35.05 15.07
N ASN D 89 -6.36 -34.85 16.36
CA ASN D 89 -6.36 -33.51 16.94
C ASN D 89 -5.03 -32.74 16.93
N PHE D 90 -3.91 -33.46 16.92
CA PHE D 90 -2.58 -32.83 17.07
C PHE D 90 -1.90 -32.50 15.74
N ASN D 91 -1.67 -31.22 15.50
CA ASN D 91 -1.05 -30.77 14.26
C ASN D 91 0.33 -30.13 14.42
N CYS D 92 0.83 -30.14 15.65
CA CYS D 92 2.18 -29.64 15.94
C CYS D 92 3.03 -30.76 16.57
N ALA D 93 4.30 -30.47 16.84
CA ALA D 93 5.22 -31.48 17.36
C ALA D 93 6.35 -30.89 18.19
N THR D 94 6.86 -31.69 19.13
CA THR D 94 7.94 -31.28 20.02
C THR D 94 9.10 -32.29 20.02
N ILE D 95 10.25 -31.84 20.52
CA ILE D 95 11.35 -32.73 20.91
C ILE D 95 11.78 -32.38 22.33
N GLY D 96 12.61 -33.23 22.93
CA GLY D 96 13.10 -33.02 24.30
C GLY D 96 12.35 -33.94 25.23
N LEU D 97 12.96 -34.23 26.39
CA LEU D 97 12.41 -35.18 27.37
C LEU D 97 12.49 -36.62 26.85
N THR D 98 11.80 -36.89 25.75
CA THR D 98 11.86 -38.18 25.07
C THR D 98 13.00 -38.20 24.05
N LYS D 99 13.20 -39.33 23.40
CA LYS D 99 14.21 -39.46 22.35
C LYS D 99 13.59 -39.27 20.96
N THR D 100 12.30 -38.91 20.93
CA THR D 100 11.51 -38.94 19.70
C THR D 100 10.81 -37.61 19.36
N PHE D 101 10.33 -37.53 18.12
CA PHE D 101 9.40 -36.47 17.71
C PHE D 101 8.00 -36.82 18.19
N ASP D 102 7.40 -35.94 18.98
CA ASP D 102 6.10 -36.23 19.58
C ASP D 102 5.02 -35.26 19.13
N ALA D 103 3.93 -35.83 18.62
CA ALA D 103 2.75 -35.05 18.27
C ALA D 103 2.25 -34.26 19.48
N ALA D 104 1.90 -33.00 19.24
CA ALA D 104 1.47 -32.12 20.32
C ALA D 104 0.43 -31.13 19.80
N SER D 105 -0.42 -30.66 20.71
CA SER D 105 -1.40 -29.63 20.38
C SER D 105 -0.68 -28.32 20.09
N CYS D 106 -1.14 -27.62 19.06
CA CYS D 106 -0.56 -26.34 18.66
C CYS D 106 -0.92 -25.21 19.62
N ASP D 107 -1.93 -25.46 20.45
CA ASP D 107 -2.50 -24.43 21.33
C ASP D 107 -1.99 -24.49 22.77
N ILE D 108 -1.34 -25.59 23.14
CA ILE D 108 -0.72 -25.74 24.45
C ILE D 108 0.61 -24.99 24.46
N SER D 109 0.97 -24.44 25.61
CA SER D 109 2.22 -23.69 25.76
C SER D 109 3.38 -24.60 26.12
N TYR D 110 4.42 -24.56 25.30
CA TYR D 110 5.68 -25.25 25.55
C TYR D 110 6.83 -24.29 25.33
N ARG D 111 8.02 -24.71 25.70
CA ARG D 111 9.24 -24.01 25.32
C ARG D 111 9.40 -24.16 23.81
N ARG D 112 10.32 -23.39 23.23
CA ARG D 112 10.51 -23.36 21.79
C ARG D 112 11.97 -23.16 21.41
N ILE D 113 12.36 -23.73 20.27
CA ILE D 113 13.73 -23.62 19.76
C ILE D 113 13.69 -22.86 18.45
N CYS D 114 14.42 -21.75 18.41
CA CYS D 114 14.59 -20.99 17.18
C CYS D 114 15.91 -21.32 16.49
N GLU D 115 15.95 -21.12 15.19
CA GLU D 115 17.15 -21.37 14.41
C GLU D 115 17.39 -20.30 13.36
N LYS D 116 18.65 -19.93 13.20
CA LYS D 116 19.08 -19.11 12.07
C LYS D 116 20.50 -19.48 11.66
N ASN D 117 20.92 -18.95 10.52
CA ASN D 117 22.25 -19.25 10.04
C ASN D 117 23.32 -18.62 10.91
N ALA D 118 24.40 -19.36 11.15
CA ALA D 118 25.53 -18.85 11.93
C ALA D 118 26.23 -17.73 11.17
N MET E 1 7.37 23.52 -29.41
CA MET E 1 6.69 23.40 -28.10
C MET E 1 5.19 23.50 -28.26
N CYS E 2 4.48 22.82 -27.38
CA CYS E 2 3.04 23.01 -27.22
C CYS E 2 2.77 24.22 -26.32
N PRO E 3 1.53 24.72 -26.33
CA PRO E 3 1.12 25.75 -25.36
C PRO E 3 1.24 25.25 -23.93
N LYS E 4 1.34 26.17 -22.98
CA LYS E 4 1.42 25.82 -21.56
C LYS E 4 0.28 24.88 -21.15
N ASP E 5 0.62 23.85 -20.38
CA ASP E 5 -0.34 22.86 -19.86
C ASP E 5 -0.79 21.85 -20.92
N TRP E 6 -0.28 21.97 -22.15
CA TRP E 6 -0.58 21.02 -23.21
C TRP E 6 0.60 20.07 -23.41
N GLU E 7 0.34 18.89 -23.96
CA GLU E 7 1.37 17.85 -24.04
C GLU E 7 1.62 17.39 -25.47
N PHE E 8 2.89 17.28 -25.82
CA PHE E 8 3.33 16.99 -27.17
C PHE E 8 3.38 15.49 -27.48
N TYR E 9 2.81 15.11 -28.62
CA TYR E 9 3.04 13.79 -29.21
C TYR E 9 2.84 13.86 -30.71
N GLN E 10 3.91 13.53 -31.44
CA GLN E 10 3.92 13.43 -32.90
C GLN E 10 3.24 14.60 -33.62
N ALA E 11 3.84 15.78 -33.51
CA ALA E 11 3.38 17.03 -34.15
C ALA E 11 2.03 17.58 -33.67
N ARG E 12 1.47 17.00 -32.61
CA ARG E 12 0.18 17.43 -32.10
C ARG E 12 0.23 17.70 -30.60
N CYS E 13 -0.63 18.59 -30.13
CA CYS E 13 -0.70 18.95 -28.71
C CYS E 13 -2.03 18.50 -28.10
N PHE E 14 -1.96 18.01 -26.87
CA PHE E 14 -3.11 17.41 -26.18
C PHE E 14 -3.35 18.08 -24.83
N PHE E 15 -4.62 18.32 -24.50
CA PHE E 15 -4.97 18.85 -23.20
C PHE E 15 -5.88 17.90 -22.45
N LEU E 16 -5.34 17.32 -21.39
CA LEU E 16 -6.10 16.47 -20.50
C LEU E 16 -6.69 17.36 -19.42
N SER E 17 -8.01 17.45 -19.39
CA SER E 17 -8.70 18.33 -18.45
C SER E 17 -8.81 17.69 -17.07
N THR E 18 -8.83 18.53 -16.05
CA THR E 18 -9.15 18.09 -14.69
C THR E 18 -10.65 18.22 -14.43
N SER E 19 -11.26 19.30 -14.93
CA SER E 19 -12.69 19.54 -14.75
C SER E 19 -13.56 18.59 -15.58
N GLU E 20 -14.81 18.43 -15.13
CA GLU E 20 -15.79 17.57 -15.76
C GLU E 20 -16.93 18.39 -16.34
N SER E 21 -17.40 18.00 -17.53
CA SER E 21 -18.52 18.67 -18.21
C SER E 21 -19.16 17.74 -19.24
N SER E 22 -20.35 18.09 -19.71
CA SER E 22 -21.06 17.29 -20.73
C SER E 22 -20.31 17.35 -22.07
N TRP E 23 -20.66 16.45 -23.00
CA TRP E 23 -19.98 16.38 -24.28
C TRP E 23 -20.06 17.70 -25.04
N ASN E 24 -21.26 18.29 -25.13
CA ASN E 24 -21.46 19.58 -25.79
C ASN E 24 -20.60 20.67 -25.18
N GLU E 25 -20.55 20.69 -23.85
CA GLU E 25 -19.72 21.63 -23.10
C GLU E 25 -18.25 21.42 -23.38
N SER E 26 -17.81 20.15 -23.42
CA SER E 26 -16.43 19.78 -23.73
C SER E 26 -16.04 20.21 -25.14
N ARG E 27 -16.93 19.99 -26.10
CA ARG E 27 -16.72 20.44 -27.47
C ARG E 27 -16.50 21.95 -27.52
N ASP E 28 -17.30 22.69 -26.76
CA ASP E 28 -17.16 24.15 -26.69
C ASP E 28 -15.84 24.58 -26.07
N PHE E 29 -15.41 23.87 -25.03
CA PHE E 29 -14.14 24.15 -24.35
C PHE E 29 -12.93 24.03 -25.29
N CYS E 30 -12.86 22.92 -26.01
CA CYS E 30 -11.77 22.69 -26.95
C CYS E 30 -11.77 23.72 -28.08
N LYS E 31 -12.95 24.01 -28.61
CA LYS E 31 -13.11 24.98 -29.70
C LYS E 31 -12.54 26.36 -29.33
N GLY E 32 -12.86 26.82 -28.13
CA GLY E 32 -12.38 28.10 -27.60
C GLY E 32 -10.89 28.14 -27.35
N LYS E 33 -10.20 27.02 -27.65
CA LYS E 33 -8.75 26.94 -27.58
C LYS E 33 -8.15 26.53 -28.92
N GLY E 34 -8.91 26.74 -29.99
CA GLY E 34 -8.47 26.38 -31.33
C GLY E 34 -8.16 24.91 -31.48
N SER E 35 -8.93 24.08 -30.79
CA SER E 35 -8.75 22.64 -30.79
C SER E 35 -10.07 21.90 -30.93
N THR E 36 -9.99 20.59 -31.02
CA THR E 36 -11.16 19.72 -31.06
C THR E 36 -10.97 18.62 -30.03
N LEU E 37 -12.04 17.91 -29.72
CA LEU E 37 -11.95 16.69 -28.92
C LEU E 37 -11.11 15.69 -29.71
N ALA E 38 -10.27 14.96 -28.99
CA ALA E 38 -9.19 14.16 -29.60
C ALA E 38 -9.67 13.05 -30.54
N ILE E 39 -8.98 12.94 -31.67
CA ILE E 39 -9.20 11.85 -32.61
C ILE E 39 -8.14 10.78 -32.32
N VAL E 40 -8.58 9.69 -31.68
CA VAL E 40 -7.67 8.65 -31.19
C VAL E 40 -7.73 7.46 -32.16
N ASN E 41 -7.27 7.68 -33.39
CA ASN E 41 -7.48 6.72 -34.48
C ASN E 41 -6.27 5.87 -34.85
N THR E 42 -5.28 5.83 -33.97
CA THR E 42 -4.14 4.89 -34.08
C THR E 42 -3.86 4.24 -32.72
N PRO E 43 -3.30 3.01 -32.72
CA PRO E 43 -2.93 2.35 -31.46
C PRO E 43 -1.89 3.16 -30.67
N GLU E 44 -0.98 3.80 -31.40
CA GLU E 44 0.08 4.62 -30.80
C GLU E 44 -0.48 5.86 -30.08
N LYS E 45 -1.44 6.54 -30.70
CA LYS E 45 -2.14 7.68 -30.07
C LYS E 45 -2.93 7.24 -28.85
N LEU E 46 -3.61 6.10 -29.00
CA LEU E 46 -4.38 5.50 -27.93
C LEU E 46 -3.50 5.16 -26.72
N LYS E 47 -2.39 4.48 -26.99
CA LYS E 47 -1.45 4.07 -25.93
C LYS E 47 -0.82 5.28 -25.25
N PHE E 48 -0.41 6.28 -26.04
CA PHE E 48 0.16 7.51 -25.49
C PHE E 48 -0.80 8.17 -24.51
N LEU E 49 -2.08 8.26 -24.89
CA LEU E 49 -3.09 8.87 -24.03
C LEU E 49 -3.44 8.03 -22.80
N GLN E 50 -3.55 6.71 -22.98
CA GLN E 50 -3.88 5.81 -21.86
C GLN E 50 -2.78 5.82 -20.79
N ASP E 51 -1.54 5.96 -21.23
CA ASP E 51 -0.38 6.07 -20.36
C ASP E 51 -0.39 7.29 -19.44
N ILE E 52 -1.01 8.38 -19.89
CA ILE E 52 -1.00 9.64 -19.12
C ILE E 52 -2.34 10.05 -18.49
N THR E 53 -3.43 9.36 -18.87
CA THR E 53 -4.73 9.64 -18.26
C THR E 53 -4.74 9.20 -16.79
N ASP E 54 -5.55 9.87 -15.99
CA ASP E 54 -5.83 9.43 -14.63
C ASP E 54 -6.81 8.25 -14.73
N ALA E 55 -7.04 7.56 -13.62
CA ALA E 55 -7.98 6.45 -13.60
C ALA E 55 -9.41 6.99 -13.63
N GLU E 56 -9.73 7.64 -14.75
CA GLU E 56 -10.99 8.37 -14.91
C GLU E 56 -11.42 8.32 -16.38
N LYS E 57 -12.69 8.60 -16.62
CA LYS E 57 -13.23 8.62 -17.98
C LYS E 57 -13.06 10.00 -18.63
N TYR E 58 -12.58 9.99 -19.88
CA TYR E 58 -12.39 11.21 -20.66
C TYR E 58 -13.17 11.14 -21.98
N PHE E 59 -14.06 12.09 -22.23
CA PHE E 59 -14.66 12.26 -23.56
C PHE E 59 -13.57 12.49 -24.61
N ILE E 60 -13.73 11.81 -25.75
CA ILE E 60 -12.93 12.09 -26.96
C ILE E 60 -13.87 12.46 -28.11
N GLY E 61 -13.31 12.75 -29.28
CA GLY E 61 -14.10 13.21 -30.43
C GLY E 61 -14.74 12.09 -31.22
N LEU E 62 -15.61 11.33 -30.56
CA LEU E 62 -16.16 10.10 -31.12
C LEU E 62 -17.63 9.98 -30.75
N ILE E 63 -18.49 10.00 -31.76
CA ILE E 63 -19.94 9.95 -31.51
C ILE E 63 -20.64 8.97 -32.44
N TYR E 64 -21.82 8.50 -32.01
CA TYR E 64 -22.62 7.57 -32.77
C TYR E 64 -23.63 8.33 -33.64
N HIS E 65 -23.74 7.90 -34.88
CA HIS E 65 -24.68 8.48 -35.84
C HIS E 65 -25.80 7.48 -36.08
N ARG E 66 -26.92 7.72 -35.40
CA ARG E 66 -28.06 6.81 -35.39
C ARG E 66 -28.70 6.59 -36.77
N GLU E 67 -28.54 7.57 -37.65
CA GLU E 67 -29.13 7.49 -38.99
C GLU E 67 -28.39 6.50 -39.89
N GLU E 68 -27.08 6.34 -39.65
CA GLU E 68 -26.26 5.43 -40.44
C GLU E 68 -25.75 4.20 -39.65
N LYS E 69 -26.15 4.09 -38.39
CA LYS E 69 -25.76 2.95 -37.53
C LYS E 69 -24.25 2.69 -37.52
N ARG E 70 -23.48 3.73 -37.28
CA ARG E 70 -22.04 3.61 -37.09
C ARG E 70 -21.55 4.80 -36.29
N TRP E 71 -20.37 4.63 -35.69
CA TRP E 71 -19.65 5.71 -35.04
C TRP E 71 -18.77 6.43 -36.06
N ARG E 72 -18.50 7.70 -35.82
CA ARG E 72 -17.54 8.47 -36.60
C ARG E 72 -16.68 9.33 -35.69
N TRP E 73 -15.45 9.59 -36.10
CA TRP E 73 -14.63 10.65 -35.51
C TRP E 73 -15.22 12.01 -35.88
N ILE E 74 -14.88 13.03 -35.09
CA ILE E 74 -15.44 14.38 -35.30
C ILE E 74 -14.93 15.11 -36.56
N ASN E 75 -13.93 14.52 -37.24
CA ASN E 75 -13.49 15.04 -38.53
C ASN E 75 -14.22 14.35 -39.68
N ASN E 76 -15.25 13.59 -39.30
CA ASN E 76 -16.18 12.93 -40.23
C ASN E 76 -15.69 11.57 -40.77
N SER E 77 -14.44 11.21 -40.48
CA SER E 77 -13.92 9.90 -40.85
C SER E 77 -14.60 8.80 -40.05
N VAL E 78 -14.74 7.61 -40.65
CA VAL E 78 -15.39 6.48 -39.99
C VAL E 78 -14.55 6.00 -38.80
N PHE E 79 -15.22 5.57 -37.74
CA PHE E 79 -14.56 5.01 -36.57
C PHE E 79 -13.93 3.65 -36.90
N ASN E 80 -12.66 3.50 -36.56
CA ASN E 80 -11.88 2.33 -36.97
C ASN E 80 -11.65 1.27 -35.89
N GLY E 81 -12.14 1.50 -34.67
CA GLY E 81 -11.98 0.53 -33.60
C GLY E 81 -13.29 -0.13 -33.21
N ASN E 82 -13.40 -0.46 -31.93
CA ASN E 82 -14.59 -1.09 -31.37
C ASN E 82 -15.00 -0.42 -30.07
N VAL E 83 -16.27 -0.01 -29.98
CA VAL E 83 -16.82 0.60 -28.77
C VAL E 83 -17.49 -0.46 -27.89
N THR E 84 -17.12 -0.51 -26.62
CA THR E 84 -17.71 -1.47 -25.66
C THR E 84 -19.03 -0.96 -25.08
N ASN E 85 -19.84 -1.90 -24.59
CA ASN E 85 -21.10 -1.60 -23.90
C ASN E 85 -22.05 -0.65 -24.65
N GLN E 86 -22.27 -0.94 -25.93
CA GLN E 86 -23.18 -0.15 -26.76
C GLN E 86 -24.63 -0.42 -26.38
N ASN E 87 -25.45 0.63 -26.39
CA ASN E 87 -26.90 0.53 -26.17
C ASN E 87 -27.62 1.69 -26.85
N GLN E 88 -28.96 1.67 -26.82
CA GLN E 88 -29.77 2.63 -27.56
C GLN E 88 -29.68 4.06 -27.02
N ASN E 89 -29.18 4.21 -25.81
CA ASN E 89 -29.18 5.51 -25.12
C ASN E 89 -27.85 6.29 -25.17
N PHE E 90 -26.75 5.59 -25.45
CA PHE E 90 -25.41 6.19 -25.40
C PHE E 90 -24.91 6.53 -26.81
N ASN E 91 -24.70 7.82 -27.05
CA ASN E 91 -24.26 8.29 -28.36
C ASN E 91 -22.84 8.88 -28.37
N CYS E 92 -22.21 8.89 -27.20
CA CYS E 92 -20.86 9.41 -27.03
C CYS E 92 -19.92 8.30 -26.54
N ALA E 93 -18.62 8.60 -26.46
CA ALA E 93 -17.62 7.60 -26.05
C ALA E 93 -16.49 8.22 -25.24
N THR E 94 -15.87 7.41 -24.38
CA THR E 94 -14.73 7.85 -23.54
C THR E 94 -13.56 6.86 -23.63
N ILE E 95 -12.38 7.33 -23.24
CA ILE E 95 -11.25 6.46 -22.93
C ILE E 95 -10.74 6.78 -21.53
N GLY E 96 -9.81 5.98 -21.02
CA GLY E 96 -9.30 6.14 -19.68
C GLY E 96 -10.00 5.22 -18.70
N LEU E 97 -9.32 4.91 -17.60
CA LEU E 97 -9.79 3.96 -16.58
C LEU E 97 -9.72 2.51 -17.09
N THR E 98 -10.48 2.20 -18.15
CA THR E 98 -10.41 0.91 -18.82
C THR E 98 -9.31 0.92 -19.88
N LYS E 99 -9.15 -0.20 -20.58
CA LYS E 99 -8.21 -0.27 -21.69
C LYS E 99 -8.93 -0.17 -23.03
N THR E 100 -10.21 0.21 -22.99
CA THR E 100 -11.08 0.16 -24.17
C THR E 100 -11.79 1.49 -24.51
N PHE E 101 -12.28 1.60 -25.74
CA PHE E 101 -13.22 2.67 -26.13
C PHE E 101 -14.60 2.32 -25.57
N ASP E 102 -15.14 3.17 -24.71
CA ASP E 102 -16.41 2.85 -24.02
C ASP E 102 -17.55 3.81 -24.33
N ALA E 103 -18.70 3.24 -24.71
CA ALA E 103 -19.92 4.03 -24.92
C ALA E 103 -20.32 4.74 -23.64
N ALA E 104 -20.72 5.99 -23.80
CA ALA E 104 -21.06 6.85 -22.68
C ALA E 104 -22.21 7.76 -23.04
N SER E 105 -22.96 8.16 -22.01
CA SER E 105 -24.00 9.17 -22.16
C SER E 105 -23.36 10.53 -22.49
N CYS E 106 -23.94 11.22 -23.46
CA CYS E 106 -23.45 12.53 -23.91
C CYS E 106 -23.76 13.63 -22.89
N ASP E 107 -24.69 13.34 -21.99
CA ASP E 107 -25.23 14.34 -21.05
C ASP E 107 -24.52 14.35 -19.69
N ILE E 108 -23.93 13.22 -19.32
CA ILE E 108 -23.20 13.08 -18.06
C ILE E 108 -21.85 13.79 -18.14
N SER E 109 -21.45 14.43 -17.04
CA SER E 109 -20.19 15.17 -16.98
C SER E 109 -18.98 14.25 -16.81
N TYR E 110 -18.05 14.34 -17.76
CA TYR E 110 -16.75 13.67 -17.65
C TYR E 110 -15.62 14.66 -17.96
N ARG E 111 -14.39 14.20 -17.79
CA ARG E 111 -13.24 14.96 -18.26
C ARG E 111 -13.19 14.89 -19.80
N ARG E 112 -12.29 15.65 -20.41
CA ARG E 112 -12.14 15.69 -21.86
C ARG E 112 -10.67 15.66 -22.26
N ILE E 113 -10.42 15.28 -23.52
CA ILE E 113 -9.11 15.46 -24.14
C ILE E 113 -9.30 16.27 -25.42
N CYS E 114 -8.66 17.45 -25.46
CA CYS E 114 -8.64 18.28 -26.65
C CYS E 114 -7.35 18.02 -27.40
N GLU E 115 -7.35 18.33 -28.70
CA GLU E 115 -6.20 18.10 -29.57
C GLU E 115 -6.11 19.14 -30.69
N LYS E 116 -4.89 19.60 -30.95
CA LYS E 116 -4.63 20.52 -32.06
C LYS E 116 -3.19 20.35 -32.55
N ASN E 117 -2.89 20.92 -33.72
CA ASN E 117 -1.54 20.86 -34.28
C ASN E 117 -0.55 21.62 -33.42
N ALA E 118 0.67 21.11 -33.35
CA ALA E 118 1.76 21.82 -32.68
C ALA E 118 2.18 23.00 -33.54
N MET F 1 14.62 45.97 -11.73
CA MET F 1 16.00 45.47 -12.02
C MET F 1 16.26 44.15 -11.30
N CYS F 2 16.95 43.24 -11.97
CA CYS F 2 17.37 41.97 -11.37
C CYS F 2 18.49 42.19 -10.38
N PRO F 3 18.68 41.25 -9.42
CA PRO F 3 19.87 41.25 -8.58
C PRO F 3 21.14 41.18 -9.42
N LYS F 4 22.26 41.62 -8.84
CA LYS F 4 23.55 41.56 -9.52
C LYS F 4 23.86 40.13 -9.99
N ASP F 5 24.34 40.03 -11.23
CA ASP F 5 24.76 38.77 -11.85
C ASP F 5 23.60 37.94 -12.41
N TRP F 6 22.38 38.45 -12.20
CA TRP F 6 21.14 37.88 -12.75
C TRP F 6 20.71 38.65 -14.00
N GLU F 7 19.98 37.99 -14.90
CA GLU F 7 19.65 38.57 -16.20
C GLU F 7 18.14 38.57 -16.48
N PHE F 8 17.67 39.71 -16.98
CA PHE F 8 16.24 39.99 -17.18
C PHE F 8 15.68 39.43 -18.49
N TYR F 9 14.50 38.83 -18.41
CA TYR F 9 13.71 38.47 -19.60
C TYR F 9 12.23 38.35 -19.28
N GLN F 10 11.42 39.14 -19.99
CA GLN F 10 9.95 39.10 -19.86
C GLN F 10 9.46 38.96 -18.42
N ALA F 11 9.87 39.91 -17.58
CA ALA F 11 9.53 39.98 -16.16
C ALA F 11 10.09 38.85 -15.28
N ARG F 12 11.10 38.15 -15.76
CA ARG F 12 11.77 37.11 -14.96
C ARG F 12 13.26 37.38 -14.86
N CYS F 13 13.87 36.94 -13.76
CA CYS F 13 15.33 36.99 -13.62
C CYS F 13 15.95 35.61 -13.60
N PHE F 14 17.03 35.45 -14.37
CA PHE F 14 17.67 34.15 -14.54
C PHE F 14 19.14 34.21 -14.11
N PHE F 15 19.62 33.11 -13.54
CA PHE F 15 21.03 32.99 -13.17
C PHE F 15 21.69 31.79 -13.82
N LEU F 16 22.70 32.06 -14.64
CA LEU F 16 23.45 31.02 -15.31
C LEU F 16 24.74 30.74 -14.55
N SER F 17 24.83 29.56 -13.94
CA SER F 17 25.97 29.19 -13.10
C SER F 17 27.20 28.79 -13.91
N THR F 18 28.37 28.93 -13.27
CA THR F 18 29.61 28.39 -13.80
C THR F 18 29.99 27.11 -13.06
N SER F 19 29.64 27.05 -11.79
CA SER F 19 29.87 25.84 -10.99
C SER F 19 28.95 24.69 -11.43
N GLU F 20 29.40 23.48 -11.14
CA GLU F 20 28.73 22.25 -11.56
C GLU F 20 28.39 21.42 -10.33
N SER F 21 27.20 20.81 -10.35
CA SER F 21 26.72 19.96 -9.25
C SER F 21 25.51 19.13 -9.68
N SER F 22 25.14 18.15 -8.86
CA SER F 22 24.00 17.27 -9.13
C SER F 22 22.69 18.05 -9.12
N TRP F 23 21.61 17.41 -9.57
CA TRP F 23 20.31 18.07 -9.58
C TRP F 23 19.87 18.50 -8.18
N ASN F 24 20.00 17.60 -7.19
CA ASN F 24 19.62 17.90 -5.82
C ASN F 24 20.42 19.09 -5.27
N GLU F 25 21.72 19.04 -5.53
CA GLU F 25 22.62 20.13 -5.15
C GLU F 25 22.29 21.43 -5.87
N SER F 26 21.93 21.34 -7.15
CA SER F 26 21.54 22.50 -7.95
C SER F 26 20.25 23.12 -7.44
N ARG F 27 19.29 22.25 -7.08
CA ARG F 27 18.03 22.65 -6.46
C ARG F 27 18.30 23.45 -5.18
N ASP F 28 19.22 22.96 -4.36
CA ASP F 28 19.59 23.61 -3.10
C ASP F 28 20.31 24.95 -3.29
N PHE F 29 21.12 25.03 -4.34
CA PHE F 29 21.82 26.27 -4.68
C PHE F 29 20.85 27.38 -5.10
N CYS F 30 19.85 27.03 -5.93
CA CYS F 30 18.83 28.01 -6.34
C CYS F 30 17.96 28.45 -5.15
N LYS F 31 17.55 27.47 -4.33
CA LYS F 31 16.77 27.69 -3.11
C LYS F 31 17.41 28.73 -2.19
N GLY F 32 18.72 28.59 -1.97
CA GLY F 32 19.47 29.49 -1.10
C GLY F 32 19.55 30.92 -1.58
N LYS F 33 19.11 31.17 -2.83
CA LYS F 33 19.03 32.51 -3.39
C LYS F 33 17.59 32.90 -3.67
N GLY F 34 16.67 32.25 -2.95
CA GLY F 34 15.25 32.55 -3.06
C GLY F 34 14.69 32.29 -4.45
N SER F 35 15.28 31.31 -5.14
CA SER F 35 14.89 30.98 -6.51
C SER F 35 14.67 29.48 -6.69
N THR F 36 14.21 29.10 -7.89
CA THR F 36 14.03 27.70 -8.25
C THR F 36 14.78 27.41 -9.55
N LEU F 37 14.93 26.13 -9.89
CA LEU F 37 15.47 25.74 -11.19
C LEU F 37 14.50 26.18 -12.27
N ALA F 38 15.03 26.67 -13.39
CA ALA F 38 14.25 27.41 -14.39
C ALA F 38 13.10 26.61 -15.03
N ILE F 39 11.96 27.29 -15.20
CA ILE F 39 10.82 26.74 -15.91
C ILE F 39 10.81 27.36 -17.30
N VAL F 40 11.21 26.54 -18.28
CA VAL F 40 11.45 27.03 -19.64
C VAL F 40 10.29 26.59 -20.52
N ASN F 41 9.11 27.17 -20.27
CA ASN F 41 7.86 26.65 -20.83
C ASN F 41 7.28 27.35 -22.07
N THR F 42 8.07 28.25 -22.69
CA THR F 42 7.69 28.89 -23.96
C THR F 42 8.86 28.87 -24.95
N PRO F 43 8.57 28.93 -26.27
CA PRO F 43 9.67 28.98 -27.25
C PRO F 43 10.56 30.21 -27.07
N GLU F 44 9.99 31.31 -26.58
CA GLU F 44 10.73 32.54 -26.32
C GLU F 44 11.75 32.35 -25.21
N LYS F 45 11.30 31.82 -24.07
CA LYS F 45 12.16 31.54 -22.93
C LYS F 45 13.31 30.63 -23.34
N LEU F 46 12.98 29.55 -24.05
CA LEU F 46 13.97 28.59 -24.51
C LEU F 46 15.04 29.26 -25.37
N LYS F 47 14.60 30.02 -26.37
CA LYS F 47 15.49 30.78 -27.26
C LYS F 47 16.40 31.73 -26.47
N PHE F 48 15.81 32.51 -25.58
CA PHE F 48 16.59 33.45 -24.78
C PHE F 48 17.73 32.74 -24.04
N LEU F 49 17.41 31.66 -23.34
CA LEU F 49 18.42 30.92 -22.57
C LEU F 49 19.46 30.23 -23.44
N GLN F 50 19.03 29.64 -24.55
CA GLN F 50 19.94 28.98 -25.49
C GLN F 50 20.92 29.98 -26.12
N ASP F 51 20.49 31.23 -26.24
CA ASP F 51 21.33 32.27 -26.85
C ASP F 51 22.46 32.77 -25.96
N ILE F 52 22.30 32.64 -24.64
CA ILE F 52 23.30 33.16 -23.68
C ILE F 52 24.06 32.09 -22.91
N THR F 53 23.59 30.84 -23.00
CA THR F 53 24.32 29.73 -22.39
C THR F 53 25.65 29.49 -23.10
N ASP F 54 26.64 29.01 -22.36
CA ASP F 54 27.87 28.51 -22.97
C ASP F 54 27.58 27.13 -23.57
N ALA F 55 28.53 26.60 -24.34
CA ALA F 55 28.37 25.30 -24.99
C ALA F 55 28.51 24.18 -23.95
N GLU F 56 27.57 24.16 -23.01
CA GLU F 56 27.58 23.23 -21.89
C GLU F 56 26.14 22.84 -21.55
N LYS F 57 25.98 21.71 -20.87
CA LYS F 57 24.68 21.28 -20.37
C LYS F 57 24.35 22.01 -19.07
N TYR F 58 23.12 22.53 -18.98
CA TYR F 58 22.62 23.20 -17.77
C TYR F 58 21.34 22.49 -17.30
N PHE F 59 21.32 22.04 -16.04
CA PHE F 59 20.07 21.59 -15.41
C PHE F 59 19.03 22.72 -15.40
N ILE F 60 17.78 22.35 -15.67
CA ILE F 60 16.62 23.24 -15.49
C ILE F 60 15.58 22.55 -14.62
N GLY F 61 14.48 23.25 -14.32
CA GLY F 61 13.46 22.72 -13.42
C GLY F 61 12.51 21.75 -14.09
N LEU F 62 13.05 20.69 -14.67
CA LEU F 62 12.28 19.73 -15.46
C LEU F 62 12.68 18.29 -15.11
N ILE F 63 11.74 17.52 -14.57
CA ILE F 63 12.06 16.17 -14.10
C ILE F 63 10.97 15.17 -14.50
N TYR F 64 11.35 13.90 -14.58
CA TYR F 64 10.43 12.85 -14.97
C TYR F 64 9.70 12.29 -13.76
N HIS F 65 8.40 12.04 -13.91
CA HIS F 65 7.59 11.44 -12.87
C HIS F 65 7.23 10.01 -13.27
N ARG F 66 7.96 9.04 -12.72
CA ARG F 66 7.88 7.63 -13.11
C ARG F 66 6.52 6.98 -12.83
N GLU F 67 5.80 7.53 -11.84
CA GLU F 67 4.54 6.94 -11.42
C GLU F 67 3.39 7.31 -12.36
N GLU F 68 3.59 8.37 -13.13
CA GLU F 68 2.58 8.82 -14.10
C GLU F 68 3.06 8.82 -15.57
N LYS F 69 4.30 8.40 -15.80
CA LYS F 69 4.89 8.31 -17.16
C LYS F 69 4.86 9.63 -17.93
N ARG F 70 5.15 10.73 -17.24
CA ARG F 70 5.26 12.04 -17.88
C ARG F 70 6.28 12.92 -17.15
N TRP F 71 6.78 13.92 -17.86
CA TRP F 71 7.67 14.92 -17.29
C TRP F 71 6.84 16.07 -16.77
N ARG F 72 7.31 16.71 -15.70
CA ARG F 72 6.66 17.93 -15.19
C ARG F 72 7.69 19.01 -14.91
N TRP F 73 7.31 20.26 -15.13
CA TRP F 73 8.06 21.39 -14.59
C TRP F 73 7.97 21.33 -13.08
N ILE F 74 8.92 21.97 -12.40
CA ILE F 74 8.99 21.86 -10.93
C ILE F 74 7.89 22.61 -10.16
N ASN F 75 7.11 23.42 -10.86
CA ASN F 75 5.92 24.04 -10.24
C ASN F 75 4.67 23.16 -10.40
N ASN F 76 4.90 21.93 -10.87
CA ASN F 76 3.89 20.87 -11.02
C ASN F 76 3.07 20.89 -12.30
N SER F 77 3.31 21.88 -13.15
CA SER F 77 2.64 21.96 -14.44
C SER F 77 3.24 20.92 -15.39
N VAL F 78 2.40 20.30 -16.22
CA VAL F 78 2.89 19.26 -17.14
C VAL F 78 3.88 19.83 -18.16
N PHE F 79 4.85 19.02 -18.54
CA PHE F 79 5.82 19.42 -19.55
C PHE F 79 5.16 19.54 -20.92
N ASN F 80 5.44 20.65 -21.60
CA ASN F 80 4.79 20.99 -22.87
C ASN F 80 5.68 20.88 -24.10
N GLY F 81 6.92 20.41 -23.91
CA GLY F 81 7.85 20.25 -25.03
C GLY F 81 8.19 18.81 -25.32
N ASN F 82 9.37 18.58 -25.90
CA ASN F 82 9.85 17.23 -26.19
C ASN F 82 11.23 17.00 -25.58
N VAL F 83 11.40 15.88 -24.87
CA VAL F 83 12.70 15.53 -24.30
C VAL F 83 13.36 14.44 -25.14
N THR F 84 14.60 14.69 -25.56
CA THR F 84 15.37 13.75 -26.39
C THR F 84 16.11 12.71 -25.57
N ASN F 85 16.48 11.61 -26.23
CA ASN F 85 17.33 10.55 -25.67
C ASN F 85 16.88 10.02 -24.30
N GLN F 86 15.58 9.80 -24.17
CA GLN F 86 15.01 9.24 -22.96
C GLN F 86 15.39 7.76 -22.81
N ASN F 87 15.54 7.32 -21.56
CA ASN F 87 15.77 5.92 -21.21
C ASN F 87 15.36 5.67 -19.77
N GLN F 88 15.16 4.39 -19.42
CA GLN F 88 14.62 4.02 -18.10
C GLN F 88 15.32 4.71 -16.92
N ASN F 89 16.60 5.04 -17.09
CA ASN F 89 17.44 5.51 -16.00
C ASN F 89 17.44 7.03 -15.77
N PHE F 90 17.34 7.81 -16.85
CA PHE F 90 17.43 9.27 -16.75
C PHE F 90 16.12 9.93 -16.33
N ASN F 91 16.16 10.66 -15.22
CA ASN F 91 14.96 11.28 -14.66
C ASN F 91 15.04 12.80 -14.59
N CYS F 92 16.13 13.35 -15.13
CA CYS F 92 16.32 14.79 -15.19
C CYS F 92 16.57 15.25 -16.63
N ALA F 93 16.66 16.57 -16.83
CA ALA F 93 16.83 17.15 -18.17
C ALA F 93 17.68 18.42 -18.17
N THR F 94 18.39 18.63 -19.29
CA THR F 94 19.24 19.80 -19.49
C THR F 94 18.85 20.56 -20.76
N ILE F 95 19.31 21.81 -20.86
CA ILE F 95 19.35 22.54 -22.14
C ILE F 95 20.77 23.08 -22.37
N GLY F 96 20.99 23.78 -23.49
CA GLY F 96 22.30 24.31 -23.83
C GLY F 96 23.15 23.26 -24.53
N LEU F 97 24.18 23.71 -25.24
CA LEU F 97 25.02 22.85 -26.11
C LEU F 97 24.23 22.38 -27.33
N THR F 98 23.15 21.65 -27.10
CA THR F 98 22.19 21.33 -28.17
C THR F 98 21.16 22.44 -28.27
N LYS F 99 20.20 22.29 -29.17
CA LYS F 99 19.08 23.21 -29.25
C LYS F 99 17.79 22.50 -28.81
N THR F 100 17.95 21.43 -28.03
CA THR F 100 16.83 20.62 -27.56
C THR F 100 16.81 20.42 -26.03
N PHE F 101 15.68 19.97 -25.50
CA PHE F 101 15.60 19.47 -24.13
C PHE F 101 16.17 18.05 -24.12
N ASP F 102 17.20 17.82 -23.31
CA ASP F 102 17.92 16.53 -23.30
C ASP F 102 17.83 15.78 -21.98
N ALA F 103 17.38 14.52 -22.03
CA ALA F 103 17.36 13.67 -20.84
C ALA F 103 18.76 13.54 -20.24
N ALA F 104 18.84 13.63 -18.92
CA ALA F 104 20.13 13.59 -18.23
C ALA F 104 20.03 12.81 -16.92
N SER F 105 21.17 12.31 -16.45
CA SER F 105 21.23 11.71 -15.12
C SER F 105 21.15 12.81 -14.08
N CYS F 106 20.29 12.61 -13.08
CA CYS F 106 20.14 13.56 -11.99
C CYS F 106 21.39 13.62 -11.13
N ASP F 107 22.17 12.55 -11.17
CA ASP F 107 23.32 12.36 -10.28
C ASP F 107 24.65 12.87 -10.87
N ILE F 108 24.68 13.17 -12.16
CA ILE F 108 25.86 13.77 -12.80
C ILE F 108 25.91 15.29 -12.53
N SER F 109 27.11 15.81 -12.35
CA SER F 109 27.31 17.24 -12.11
C SER F 109 27.29 18.08 -13.38
N TYR F 110 26.36 19.02 -13.43
CA TYR F 110 26.23 19.96 -14.55
C TYR F 110 26.04 21.37 -14.01
N ARG F 111 26.22 22.36 -14.87
CA ARG F 111 25.83 23.72 -14.53
C ARG F 111 24.30 23.81 -14.40
N ARG F 112 23.80 24.93 -13.89
CA ARG F 112 22.36 25.11 -13.64
C ARG F 112 21.87 26.49 -14.07
N ILE F 113 20.56 26.61 -14.25
CA ILE F 113 19.89 27.89 -14.48
C ILE F 113 18.81 28.06 -13.40
N CYS F 114 18.97 29.10 -12.58
CA CYS F 114 17.98 29.45 -11.56
C CYS F 114 17.08 30.56 -12.08
N GLU F 115 15.88 30.64 -11.50
CA GLU F 115 14.88 31.63 -11.89
C GLU F 115 14.05 32.15 -10.71
N LYS F 116 13.74 33.45 -10.76
CA LYS F 116 12.79 34.08 -9.83
C LYS F 116 12.17 35.32 -10.47
N ASN F 117 11.16 35.89 -9.81
CA ASN F 117 10.42 37.02 -10.37
C ASN F 117 11.29 38.27 -10.43
N ALA F 118 11.13 39.04 -11.51
CA ALA F 118 11.85 40.31 -11.65
C ALA F 118 11.21 41.38 -10.77
N MET G 1 -20.88 37.56 1.06
CA MET G 1 -19.91 36.54 1.59
C MET G 1 -20.38 35.90 2.90
N CYS G 2 -19.50 35.12 3.51
CA CYS G 2 -19.87 34.23 4.61
C CYS G 2 -20.09 34.94 5.94
N PRO G 3 -20.99 34.40 6.78
CA PRO G 3 -21.13 34.88 8.16
C PRO G 3 -19.91 34.48 8.98
N LYS G 4 -19.77 35.06 10.17
CA LYS G 4 -18.67 34.73 11.05
C LYS G 4 -18.73 33.25 11.44
N ASP G 5 -17.57 32.60 11.46
CA ASP G 5 -17.42 31.19 11.82
C ASP G 5 -17.80 30.22 10.69
N TRP G 6 -18.08 30.78 9.50
CA TRP G 6 -18.32 29.97 8.30
C TRP G 6 -17.09 30.03 7.38
N GLU G 7 -16.95 29.03 6.51
CA GLU G 7 -15.75 28.90 5.69
C GLU G 7 -16.05 29.06 4.20
N PHE G 8 -15.43 30.06 3.58
CA PHE G 8 -15.65 30.35 2.17
C PHE G 8 -15.00 29.31 1.26
N TYR G 9 -15.78 28.81 0.31
CA TYR G 9 -15.26 27.97 -0.74
C TYR G 9 -16.08 28.16 -2.01
N GLN G 10 -15.43 28.72 -3.03
CA GLN G 10 -16.01 28.91 -4.37
C GLN G 10 -17.48 29.32 -4.37
N ALA G 11 -17.75 30.53 -3.86
CA ALA G 11 -19.10 31.13 -3.88
C ALA G 11 -20.10 30.52 -2.88
N ARG G 12 -19.62 29.64 -2.00
CA ARG G 12 -20.46 29.07 -0.95
C ARG G 12 -19.76 29.01 0.42
N CYS G 13 -20.58 28.84 1.46
CA CYS G 13 -20.12 28.88 2.84
C CYS G 13 -20.38 27.56 3.56
N PHE G 14 -19.33 27.01 4.15
CA PHE G 14 -19.45 25.79 4.95
C PHE G 14 -19.38 26.09 6.45
N PHE G 15 -20.22 25.40 7.22
CA PHE G 15 -20.17 25.48 8.67
C PHE G 15 -19.85 24.11 9.25
N LEU G 16 -18.82 24.07 10.07
CA LEU G 16 -18.41 22.85 10.75
C LEU G 16 -18.83 22.93 12.21
N SER G 17 -19.86 22.17 12.57
CA SER G 17 -20.42 22.26 13.92
C SER G 17 -19.47 21.69 14.96
N THR G 18 -19.56 22.21 16.18
CA THR G 18 -18.88 21.63 17.33
C THR G 18 -19.86 20.77 18.12
N SER G 19 -21.15 21.12 18.05
CA SER G 19 -22.22 20.35 18.68
C SER G 19 -22.61 19.11 17.85
N GLU G 20 -23.27 18.16 18.49
CA GLU G 20 -23.59 16.86 17.89
C GLU G 20 -25.08 16.51 17.96
N SER G 21 -25.55 15.73 16.98
CA SER G 21 -26.92 15.19 16.97
C SER G 21 -27.11 14.11 15.91
N SER G 22 -28.27 13.44 15.96
CA SER G 22 -28.67 12.48 14.93
C SER G 22 -28.81 13.20 13.59
N TRP G 23 -28.81 12.44 12.51
CA TRP G 23 -28.90 13.01 11.17
C TRP G 23 -30.12 13.90 10.99
N ASN G 24 -31.30 13.41 11.41
CA ASN G 24 -32.54 14.18 11.29
C ASN G 24 -32.46 15.54 11.96
N GLU G 25 -31.93 15.55 13.18
CA GLU G 25 -31.74 16.77 13.95
C GLU G 25 -30.63 17.63 13.37
N SER G 26 -29.64 17.00 12.74
CA SER G 26 -28.58 17.70 12.03
C SER G 26 -29.11 18.42 10.81
N ARG G 27 -30.02 17.77 10.08
CA ARG G 27 -30.72 18.37 8.95
C ARG G 27 -31.44 19.64 9.41
N ASP G 28 -32.14 19.51 10.53
CA ASP G 28 -32.90 20.61 11.11
C ASP G 28 -31.98 21.71 11.67
N PHE G 29 -30.87 21.31 12.28
CA PHE G 29 -29.83 22.25 12.72
C PHE G 29 -29.39 23.17 11.58
N CYS G 30 -28.99 22.58 10.44
CA CYS G 30 -28.61 23.34 9.25
C CYS G 30 -29.74 24.21 8.71
N LYS G 31 -30.94 23.63 8.60
CA LYS G 31 -32.15 24.39 8.24
C LYS G 31 -32.30 25.63 9.12
N GLY G 32 -32.03 25.46 10.41
CA GLY G 32 -32.12 26.55 11.39
C GLY G 32 -31.18 27.70 11.10
N LYS G 33 -30.13 27.42 10.33
CA LYS G 33 -29.15 28.42 9.96
C LYS G 33 -29.24 28.83 8.48
N GLY G 34 -30.41 28.58 7.89
CA GLY G 34 -30.67 28.93 6.48
C GLY G 34 -29.80 28.16 5.51
N SER G 35 -29.39 26.96 5.91
CA SER G 35 -28.50 26.13 5.10
C SER G 35 -28.96 24.67 5.01
N THR G 36 -28.18 23.86 4.29
CA THR G 36 -28.47 22.45 4.07
C THR G 36 -27.24 21.62 4.45
N LEU G 37 -27.44 20.35 4.79
CA LEU G 37 -26.30 19.45 5.01
C LEU G 37 -25.43 19.41 3.76
N ALA G 38 -24.12 19.50 3.95
CA ALA G 38 -23.16 19.75 2.89
C ALA G 38 -23.18 18.70 1.78
N ILE G 39 -23.10 19.17 0.55
CA ILE G 39 -22.91 18.30 -0.61
C ILE G 39 -21.45 18.41 -1.06
N VAL G 40 -20.71 17.34 -0.83
CA VAL G 40 -19.27 17.30 -1.06
C VAL G 40 -19.00 16.52 -2.35
N ASN G 41 -19.39 17.12 -3.48
CA ASN G 41 -19.47 16.41 -4.77
C ASN G 41 -18.26 16.55 -5.72
N THR G 42 -17.12 16.99 -5.19
CA THR G 42 -15.84 17.00 -5.90
C THR G 42 -14.72 16.62 -4.95
N PRO G 43 -13.62 16.03 -5.48
CA PRO G 43 -12.43 15.78 -4.64
C PRO G 43 -11.88 17.04 -3.97
N GLU G 44 -12.03 18.19 -4.64
CA GLU G 44 -11.53 19.48 -4.14
C GLU G 44 -12.32 19.94 -2.91
N LYS G 45 -13.63 19.71 -2.91
CA LYS G 45 -14.49 20.04 -1.79
C LYS G 45 -14.15 19.16 -0.59
N LEU G 46 -13.86 17.90 -0.86
CA LEU G 46 -13.46 16.95 0.16
C LEU G 46 -12.15 17.36 0.81
N LYS G 47 -11.15 17.67 -0.01
CA LYS G 47 -9.84 18.11 0.46
C LYS G 47 -9.92 19.39 1.32
N PHE G 48 -10.74 20.34 0.89
CA PHE G 48 -10.93 21.61 1.60
C PHE G 48 -11.45 21.38 3.01
N LEU G 49 -12.46 20.53 3.13
CA LEU G 49 -13.10 20.25 4.41
C LEU G 49 -12.24 19.40 5.33
N GLN G 50 -11.57 18.39 4.74
CA GLN G 50 -10.70 17.49 5.50
C GLN G 50 -9.55 18.22 6.21
N ASP G 51 -9.14 19.38 5.69
CA ASP G 51 -8.08 20.16 6.32
C ASP G 51 -8.52 20.86 7.60
N ILE G 52 -9.78 21.28 7.67
CA ILE G 52 -10.29 22.02 8.82
C ILE G 52 -11.09 21.19 9.81
N THR G 53 -11.51 19.99 9.40
CA THR G 53 -12.18 19.04 10.28
C THR G 53 -11.25 18.56 11.39
N ASP G 54 -11.76 18.57 12.63
CA ASP G 54 -11.12 17.86 13.73
C ASP G 54 -11.12 16.38 13.42
N ALA G 55 -10.31 15.61 14.16
CA ALA G 55 -10.29 14.16 14.01
C ALA G 55 -11.54 13.55 14.62
N GLU G 56 -12.68 13.82 13.99
CA GLU G 56 -14.00 13.38 14.43
C GLU G 56 -14.86 13.12 13.19
N LYS G 57 -15.93 12.35 13.35
CA LYS G 57 -16.86 12.08 12.25
C LYS G 57 -17.91 13.19 12.11
N TYR G 58 -18.10 13.68 10.88
CA TYR G 58 -19.08 14.73 10.58
C TYR G 58 -20.13 14.23 9.58
N PHE G 59 -21.41 14.38 9.93
CA PHE G 59 -22.50 14.15 8.97
C PHE G 59 -22.43 15.14 7.81
N ILE G 60 -22.64 14.65 6.59
CA ILE G 60 -22.85 15.48 5.40
C ILE G 60 -24.17 15.07 4.73
N GLY G 61 -24.59 15.80 3.71
CA GLY G 61 -25.86 15.50 3.03
C GLY G 61 -25.81 14.34 2.05
N LEU G 62 -25.42 13.16 2.55
CA LEU G 62 -25.29 11.96 1.74
C LEU G 62 -26.02 10.78 2.39
N ILE G 63 -26.97 10.21 1.66
CA ILE G 63 -27.88 9.19 2.19
C ILE G 63 -28.07 8.00 1.25
N TYR G 64 -28.42 6.84 1.83
CA TYR G 64 -28.64 5.64 1.05
C TYR G 64 -30.13 5.39 0.81
N HIS G 65 -30.51 5.32 -0.46
CA HIS G 65 -31.87 4.94 -0.84
C HIS G 65 -31.91 3.41 -0.99
N ARG G 66 -32.41 2.74 0.05
CA ARG G 66 -32.30 1.29 0.18
C ARG G 66 -33.14 0.47 -0.82
N GLU G 67 -34.20 1.08 -1.35
CA GLU G 67 -35.02 0.47 -2.39
C GLU G 67 -34.31 0.50 -3.74
N GLU G 68 -33.60 1.60 -3.98
CA GLU G 68 -32.88 1.83 -5.23
C GLU G 68 -31.47 1.23 -5.18
N LYS G 69 -31.02 0.89 -3.97
CA LYS G 69 -29.65 0.43 -3.73
C LYS G 69 -28.60 1.41 -4.29
N ARG G 70 -28.83 2.70 -4.05
CA ARG G 70 -27.95 3.76 -4.53
C ARG G 70 -27.83 4.90 -3.51
N TRP G 71 -26.61 5.41 -3.35
CA TRP G 71 -26.36 6.60 -2.55
C TRP G 71 -26.69 7.84 -3.37
N ARG G 72 -27.31 8.82 -2.72
CA ARG G 72 -27.63 10.09 -3.36
C ARG G 72 -27.34 11.26 -2.42
N TRP G 73 -26.93 12.39 -2.98
CA TRP G 73 -26.83 13.63 -2.22
C TRP G 73 -28.22 14.08 -1.83
N ILE G 74 -28.32 14.97 -0.84
CA ILE G 74 -29.61 15.37 -0.28
C ILE G 74 -30.50 16.11 -1.28
N ASN G 75 -29.89 16.65 -2.33
CA ASN G 75 -30.64 17.29 -3.41
C ASN G 75 -31.07 16.29 -4.48
N ASN G 76 -30.96 15.01 -4.15
CA ASN G 76 -31.33 13.87 -5.01
C ASN G 76 -30.37 13.59 -6.17
N SER G 77 -29.30 14.38 -6.27
CA SER G 77 -28.29 14.16 -7.30
C SER G 77 -27.50 12.88 -7.03
N VAL G 78 -27.19 12.16 -8.10
CA VAL G 78 -26.42 10.93 -8.04
C VAL G 78 -25.05 11.14 -7.39
N PHE G 79 -24.68 10.21 -6.52
CA PHE G 79 -23.38 10.22 -5.86
C PHE G 79 -22.39 9.40 -6.70
N ASN G 80 -21.37 10.09 -7.23
CA ASN G 80 -20.30 9.43 -7.97
C ASN G 80 -19.05 9.30 -7.09
N GLY G 81 -18.82 8.10 -6.59
CA GLY G 81 -17.74 7.84 -5.65
C GLY G 81 -17.99 6.58 -4.86
N ASN G 82 -17.32 6.47 -3.72
CA ASN G 82 -17.44 5.28 -2.88
C ASN G 82 -17.72 5.59 -1.42
N VAL G 83 -18.52 4.75 -0.79
CA VAL G 83 -18.75 4.82 0.65
C VAL G 83 -18.18 3.55 1.28
N THR G 84 -17.34 3.72 2.28
CA THR G 84 -16.65 2.59 2.91
C THR G 84 -17.51 1.92 3.97
N ASN G 85 -17.25 0.63 4.20
CA ASN G 85 -17.82 -0.15 5.30
C ASN G 85 -19.35 -0.10 5.38
N GLN G 86 -20.00 -0.22 4.22
CA GLN G 86 -21.45 -0.28 4.14
C GLN G 86 -21.94 -1.60 4.73
N ASN G 87 -23.11 -1.58 5.37
CA ASN G 87 -23.75 -2.81 5.82
C ASN G 87 -25.21 -2.91 5.36
N GLN G 88 -26.09 -3.37 6.26
CA GLN G 88 -27.51 -3.47 5.96
C GLN G 88 -28.31 -2.36 6.65
N ASN G 89 -27.76 -1.83 7.73
CA ASN G 89 -28.46 -0.92 8.62
C ASN G 89 -28.15 0.57 8.41
N PHE G 90 -26.89 0.89 8.13
CA PHE G 90 -26.46 2.29 7.99
C PHE G 90 -26.96 2.91 6.70
N ASN G 91 -27.65 4.03 6.81
CA ASN G 91 -28.17 4.74 5.64
C ASN G 91 -27.65 6.18 5.52
N CYS G 92 -26.70 6.51 6.39
CA CYS G 92 -26.09 7.83 6.42
C CYS G 92 -24.56 7.72 6.29
N ALA G 93 -23.88 8.85 6.19
CA ALA G 93 -22.45 8.87 5.89
C ALA G 93 -21.75 10.07 6.51
N THR G 94 -20.48 9.86 6.87
CA THR G 94 -19.67 10.91 7.48
C THR G 94 -18.35 11.13 6.74
N ILE G 95 -17.78 12.32 6.91
CA ILE G 95 -16.38 12.57 6.58
C ILE G 95 -15.64 13.00 7.86
N GLY G 96 -14.33 13.17 7.76
CA GLY G 96 -13.51 13.47 8.92
C GLY G 96 -13.03 12.18 9.56
N LEU G 97 -12.02 12.31 10.41
CA LEU G 97 -11.34 11.16 11.02
C LEU G 97 -10.59 10.32 10.00
N THR G 98 -11.31 9.75 9.03
CA THR G 98 -10.70 9.06 7.90
C THR G 98 -10.47 10.04 6.75
N LYS G 99 -10.01 9.52 5.62
CA LYS G 99 -9.87 10.31 4.39
C LYS G 99 -11.00 10.03 3.39
N THR G 100 -11.98 9.22 3.81
CA THR G 100 -13.03 8.76 2.90
C THR G 100 -14.45 9.15 3.35
N PHE G 101 -15.44 8.85 2.50
CA PHE G 101 -16.85 8.87 2.89
C PHE G 101 -17.14 7.53 3.56
N ASP G 102 -17.59 7.55 4.81
CA ASP G 102 -17.85 6.32 5.55
C ASP G 102 -19.31 6.18 5.94
N ALA G 103 -19.85 4.97 5.75
CA ALA G 103 -21.22 4.66 6.16
C ALA G 103 -21.38 4.79 7.67
N ALA G 104 -22.54 5.27 8.09
CA ALA G 104 -22.79 5.58 9.50
C ALA G 104 -24.29 5.50 9.81
N SER G 105 -24.61 5.25 11.07
CA SER G 105 -25.99 5.21 11.52
C SER G 105 -26.58 6.62 11.59
N CYS G 106 -27.77 6.77 11.01
CA CYS G 106 -28.47 8.04 11.00
C CYS G 106 -28.92 8.44 12.41
N ASP G 107 -28.95 7.46 13.32
CA ASP G 107 -29.47 7.64 14.68
C ASP G 107 -28.43 8.09 15.72
N ILE G 108 -27.15 7.87 15.43
CA ILE G 108 -26.05 8.27 16.32
C ILE G 108 -25.80 9.77 16.23
N SER G 109 -25.44 10.38 17.36
CA SER G 109 -25.06 11.81 17.37
C SER G 109 -23.66 12.00 16.83
N TYR G 110 -23.55 12.81 15.78
CA TYR G 110 -22.26 13.26 15.27
C TYR G 110 -22.31 14.76 15.00
N ARG G 111 -21.14 15.37 14.88
CA ARG G 111 -21.03 16.73 14.37
C ARG G 111 -21.55 16.73 12.92
N ARG G 112 -21.73 17.92 12.35
CA ARG G 112 -22.28 18.04 11.01
C ARG G 112 -21.70 19.23 10.26
N ILE G 113 -21.71 19.14 8.94
CA ILE G 113 -21.29 20.24 8.07
C ILE G 113 -22.48 20.81 7.30
N CYS G 114 -22.75 22.10 7.47
CA CYS G 114 -23.81 22.80 6.75
C CYS G 114 -23.24 23.63 5.59
N GLU G 115 -24.10 23.97 4.63
CA GLU G 115 -23.69 24.65 3.41
C GLU G 115 -24.77 25.63 2.92
N LYS G 116 -24.33 26.83 2.50
CA LYS G 116 -25.23 27.81 1.90
C LYS G 116 -24.48 28.82 1.02
N ASN G 117 -25.21 29.44 0.09
CA ASN G 117 -24.66 30.48 -0.80
C ASN G 117 -23.93 31.56 -0.04
N ALA G 118 -22.79 31.99 -0.59
CA ALA G 118 -22.09 33.15 -0.07
C ALA G 118 -22.85 34.40 -0.50
N MET H 1 22.46 -16.79 -21.78
CA MET H 1 21.94 -15.40 -21.63
C MET H 1 20.92 -15.07 -22.73
N CYS H 2 19.85 -14.39 -22.35
CA CYS H 2 18.77 -14.06 -23.26
C CYS H 2 18.94 -12.68 -23.88
N PRO H 3 18.35 -12.48 -25.09
CA PRO H 3 18.29 -11.14 -25.66
C PRO H 3 17.48 -10.20 -24.76
N LYS H 4 17.53 -8.90 -25.06
CA LYS H 4 16.80 -7.92 -24.27
C LYS H 4 15.30 -8.09 -24.46
N ASP H 5 14.58 -7.99 -23.35
CA ASP H 5 13.11 -8.16 -23.30
C ASP H 5 12.66 -9.62 -23.39
N TRP H 6 13.63 -10.54 -23.32
CA TRP H 6 13.36 -11.97 -23.22
C TRP H 6 13.58 -12.42 -21.78
N GLU H 7 13.01 -13.57 -21.41
CA GLU H 7 12.97 -14.04 -20.04
C GLU H 7 13.62 -15.41 -19.90
N PHE H 8 14.67 -15.49 -19.07
CA PHE H 8 15.41 -16.73 -18.87
C PHE H 8 14.66 -17.71 -17.98
N TYR H 9 14.59 -18.96 -18.43
CA TYR H 9 14.05 -20.05 -17.62
C TYR H 9 14.70 -21.37 -18.01
N GLN H 10 15.47 -21.94 -17.08
CA GLN H 10 16.13 -23.23 -17.29
C GLN H 10 16.73 -23.40 -18.70
N ALA H 11 17.65 -22.50 -19.05
CA ALA H 11 18.33 -22.51 -20.36
C ALA H 11 17.44 -22.20 -21.59
N ARG H 12 16.18 -21.83 -21.36
CA ARG H 12 15.30 -21.35 -22.42
C ARG H 12 15.15 -19.83 -22.33
N CYS H 13 14.74 -19.20 -23.43
CA CYS H 13 14.38 -17.78 -23.43
C CYS H 13 12.96 -17.60 -23.95
N PHE H 14 12.12 -16.96 -23.14
CA PHE H 14 10.75 -16.69 -23.53
C PHE H 14 10.56 -15.21 -23.85
N PHE H 15 9.73 -14.94 -24.86
CA PHE H 15 9.37 -13.57 -25.24
C PHE H 15 7.87 -13.41 -25.22
N LEU H 16 7.37 -12.51 -24.37
CA LEU H 16 5.94 -12.23 -24.29
C LEU H 16 5.65 -10.95 -25.07
N SER H 17 4.92 -11.09 -26.18
CA SER H 17 4.69 -9.97 -27.09
C SER H 17 3.63 -9.03 -26.54
N THR H 18 3.76 -7.75 -26.89
CA THR H 18 2.71 -6.76 -26.70
C THR H 18 1.86 -6.67 -27.96
N SER H 19 2.51 -6.90 -29.11
CA SER H 19 1.81 -6.92 -30.40
C SER H 19 0.93 -8.17 -30.55
N GLU H 20 0.05 -8.12 -31.54
CA GLU H 20 -1.11 -8.99 -31.61
C GLU H 20 -1.29 -9.48 -33.03
N SER H 21 -1.54 -10.78 -33.20
CA SER H 21 -1.86 -11.35 -34.51
C SER H 21 -2.44 -12.76 -34.41
N SER H 22 -2.94 -13.27 -35.55
CA SER H 22 -3.43 -14.64 -35.68
C SER H 22 -2.32 -15.66 -35.40
N TRP H 23 -2.70 -16.92 -35.22
CA TRP H 23 -1.74 -17.98 -34.89
C TRP H 23 -0.68 -18.14 -35.98
N ASN H 24 -1.12 -18.16 -37.24
CA ASN H 24 -0.19 -18.29 -38.36
C ASN H 24 0.82 -17.15 -38.42
N GLU H 25 0.33 -15.92 -38.21
CA GLU H 25 1.19 -14.75 -38.16
C GLU H 25 2.08 -14.74 -36.91
N SER H 26 1.54 -15.23 -35.80
CA SER H 26 2.29 -15.41 -34.53
C SER H 26 3.45 -16.40 -34.70
N ARG H 27 3.18 -17.50 -35.40
CA ARG H 27 4.20 -18.50 -35.73
C ARG H 27 5.34 -17.83 -36.51
N ASP H 28 4.98 -17.08 -37.55
CA ASP H 28 5.95 -16.35 -38.38
C ASP H 28 6.66 -15.24 -37.61
N PHE H 29 5.95 -14.61 -36.67
CA PHE H 29 6.53 -13.60 -35.79
C PHE H 29 7.68 -14.21 -34.98
N CYS H 30 7.45 -15.39 -34.40
CA CYS H 30 8.50 -16.07 -33.63
C CYS H 30 9.64 -16.54 -34.54
N LYS H 31 9.28 -17.12 -35.67
CA LYS H 31 10.25 -17.50 -36.72
C LYS H 31 11.22 -16.36 -37.01
N GLY H 32 10.67 -15.16 -37.16
CA GLY H 32 11.46 -13.95 -37.47
C GLY H 32 12.42 -13.52 -36.39
N LYS H 33 12.23 -14.04 -35.18
CA LYS H 33 13.14 -13.80 -34.06
C LYS H 33 14.00 -15.04 -33.79
N GLY H 34 14.01 -15.95 -34.77
CA GLY H 34 14.77 -17.19 -34.68
C GLY H 34 14.27 -18.09 -33.56
N SER H 35 12.97 -18.03 -33.32
CA SER H 35 12.31 -18.78 -32.24
C SER H 35 11.06 -19.49 -32.74
N THR H 36 10.39 -20.18 -31.83
CA THR H 36 9.16 -20.89 -32.14
C THR H 36 8.14 -20.62 -31.05
N LEU H 37 6.85 -20.82 -31.34
CA LEU H 37 5.80 -20.64 -30.32
C LEU H 37 6.05 -21.54 -29.11
N ALA H 38 5.84 -20.97 -27.92
CA ALA H 38 6.25 -21.61 -26.66
C ALA H 38 5.61 -22.96 -26.38
N ILE H 39 6.45 -23.90 -25.96
CA ILE H 39 5.99 -25.21 -25.49
C ILE H 39 6.01 -25.18 -23.97
N VAL H 40 4.82 -25.12 -23.38
CA VAL H 40 4.65 -24.96 -21.94
C VAL H 40 4.24 -26.30 -21.33
N ASN H 41 5.19 -27.23 -21.26
CA ASN H 41 4.91 -28.64 -20.98
C ASN H 41 5.25 -29.13 -19.57
N THR H 42 5.46 -28.20 -18.64
CA THR H 42 5.54 -28.52 -17.21
C THR H 42 4.70 -27.49 -16.45
N PRO H 43 4.15 -27.87 -15.28
CA PRO H 43 3.42 -26.89 -14.46
C PRO H 43 4.29 -25.70 -14.06
N GLU H 44 5.58 -25.95 -13.86
CA GLU H 44 6.54 -24.93 -13.44
C GLU H 44 6.79 -23.90 -14.54
N LYS H 45 6.78 -24.36 -15.79
CA LYS H 45 6.86 -23.46 -16.95
C LYS H 45 5.63 -22.58 -17.06
N LEU H 46 4.46 -23.17 -16.77
CA LEU H 46 3.19 -22.44 -16.78
C LEU H 46 3.17 -21.37 -15.70
N LYS H 47 3.57 -21.76 -14.49
CA LYS H 47 3.66 -20.85 -13.35
C LYS H 47 4.58 -19.66 -13.63
N PHE H 48 5.75 -19.94 -14.20
CA PHE H 48 6.74 -18.91 -14.53
C PHE H 48 6.17 -17.84 -15.46
N LEU H 49 5.45 -18.29 -16.50
CA LEU H 49 4.87 -17.39 -17.49
C LEU H 49 3.67 -16.64 -16.93
N GLN H 50 2.84 -17.35 -16.16
CA GLN H 50 1.64 -16.78 -15.56
C GLN H 50 1.92 -15.65 -14.57
N ASP H 51 3.12 -15.61 -14.01
CA ASP H 51 3.48 -14.49 -13.12
C ASP H 51 3.81 -13.21 -13.89
N ILE H 52 4.24 -13.35 -15.15
CA ILE H 52 4.62 -12.18 -15.96
C ILE H 52 3.66 -11.83 -17.11
N THR H 53 2.63 -12.65 -17.32
CA THR H 53 1.60 -12.32 -18.32
C THR H 53 0.66 -11.23 -17.83
N ASP H 54 0.25 -10.37 -18.76
CA ASP H 54 -0.82 -9.41 -18.53
C ASP H 54 -2.15 -10.16 -18.44
N ALA H 55 -3.21 -9.44 -18.04
CA ALA H 55 -4.56 -10.01 -18.01
C ALA H 55 -5.13 -10.06 -19.43
N GLU H 56 -4.44 -10.82 -20.27
CA GLU H 56 -4.78 -10.97 -21.70
C GLU H 56 -4.52 -12.42 -22.09
N LYS H 57 -5.03 -12.81 -23.25
CA LYS H 57 -4.77 -14.14 -23.81
C LYS H 57 -3.52 -14.13 -24.67
N TYR H 58 -2.70 -15.18 -24.54
CA TYR H 58 -1.44 -15.34 -25.28
C TYR H 58 -1.43 -16.68 -25.99
N PHE H 59 -1.26 -16.66 -27.31
CA PHE H 59 -1.03 -17.86 -28.11
C PHE H 59 0.27 -18.56 -27.69
N ILE H 60 0.21 -19.88 -27.56
CA ILE H 60 1.39 -20.70 -27.34
C ILE H 60 1.45 -21.79 -28.41
N GLY H 61 2.52 -22.59 -28.42
CA GLY H 61 2.71 -23.65 -29.41
C GLY H 61 1.94 -24.93 -29.16
N LEU H 62 0.61 -24.79 -29.07
CA LEU H 62 -0.28 -25.91 -28.74
C LEU H 62 -1.49 -25.92 -29.68
N ILE H 63 -1.62 -27.01 -30.44
CA ILE H 63 -2.66 -27.12 -31.46
C ILE H 63 -3.48 -28.42 -31.37
N TYR H 64 -4.69 -28.38 -31.90
CA TYR H 64 -5.58 -29.54 -31.88
C TYR H 64 -5.54 -30.28 -33.21
N HIS H 65 -5.39 -31.59 -33.14
CA HIS H 65 -5.41 -32.45 -34.31
C HIS H 65 -6.76 -33.17 -34.38
N ARG H 66 -7.58 -32.76 -35.36
CA ARG H 66 -8.96 -33.21 -35.48
C ARG H 66 -9.11 -34.69 -35.85
N GLU H 67 -8.25 -35.15 -36.75
CA GLU H 67 -8.28 -36.52 -37.23
C GLU H 67 -8.06 -37.54 -36.10
N GLU H 68 -7.08 -37.27 -35.22
CA GLU H 68 -6.79 -38.18 -34.10
C GLU H 68 -7.48 -37.75 -32.81
N LYS H 69 -8.09 -36.56 -32.81
CA LYS H 69 -8.80 -36.00 -31.66
C LYS H 69 -7.88 -35.80 -30.45
N ARG H 70 -6.73 -35.18 -30.67
CA ARG H 70 -5.74 -34.96 -29.61
C ARG H 70 -5.03 -33.62 -29.76
N TRP H 71 -4.67 -33.03 -28.62
CA TRP H 71 -3.81 -31.86 -28.58
C TRP H 71 -2.34 -32.28 -28.59
N ARG H 72 -1.56 -31.61 -29.42
CA ARG H 72 -0.11 -31.80 -29.42
C ARG H 72 0.60 -30.44 -29.38
N TRP H 73 1.81 -30.43 -28.83
CA TRP H 73 2.67 -29.26 -28.89
C TRP H 73 3.18 -29.13 -30.32
N ILE H 74 3.68 -27.95 -30.69
CA ILE H 74 4.06 -27.71 -32.10
C ILE H 74 5.20 -28.59 -32.61
N ASN H 75 5.93 -29.22 -31.69
CA ASN H 75 6.95 -30.21 -32.07
C ASN H 75 6.39 -31.64 -32.12
N ASN H 76 5.05 -31.74 -32.11
CA ASN H 76 4.30 -33.01 -32.19
C ASN H 76 4.35 -33.91 -30.96
N SER H 77 4.94 -33.41 -29.88
CA SER H 77 4.95 -34.12 -28.60
C SER H 77 3.54 -34.10 -27.98
N VAL H 78 3.21 -35.17 -27.26
CA VAL H 78 1.91 -35.31 -26.63
C VAL H 78 1.71 -34.27 -25.52
N PHE H 79 0.55 -33.64 -25.51
CA PHE H 79 0.18 -32.68 -24.47
C PHE H 79 -0.47 -33.41 -23.30
N ASN H 80 0.17 -33.32 -22.14
CA ASN H 80 -0.37 -33.87 -20.90
C ASN H 80 -1.09 -32.77 -20.14
N GLY H 81 -2.41 -32.86 -20.06
CA GLY H 81 -3.20 -31.86 -19.36
C GLY H 81 -4.60 -31.67 -19.91
N ASN H 82 -5.19 -30.52 -19.58
CA ASN H 82 -6.56 -30.22 -19.93
C ASN H 82 -6.65 -28.86 -20.63
N VAL H 83 -7.45 -28.81 -21.69
CA VAL H 83 -7.77 -27.56 -22.36
C VAL H 83 -9.25 -27.27 -22.12
N THR H 84 -9.54 -26.05 -21.68
CA THR H 84 -10.90 -25.67 -21.31
C THR H 84 -11.69 -25.12 -22.50
N ASN H 85 -13.02 -25.25 -22.40
CA ASN H 85 -13.97 -24.76 -23.42
C ASN H 85 -13.62 -25.12 -24.86
N GLN H 86 -13.34 -26.41 -25.08
CA GLN H 86 -13.15 -26.93 -26.43
C GLN H 86 -14.47 -26.95 -27.19
N ASN H 87 -14.40 -26.74 -28.49
CA ASN H 87 -15.56 -26.87 -29.37
C ASN H 87 -15.21 -27.49 -30.73
N GLN H 88 -16.09 -27.33 -31.70
CA GLN H 88 -15.90 -27.95 -33.02
C GLN H 88 -14.98 -27.13 -33.93
N ASN H 89 -14.72 -25.89 -33.54
CA ASN H 89 -14.01 -24.94 -34.41
C ASN H 89 -12.62 -24.52 -33.92
N PHE H 90 -12.45 -24.31 -32.62
CA PHE H 90 -11.18 -23.84 -32.07
C PHE H 90 -10.09 -24.92 -32.11
N ASN H 91 -9.05 -24.70 -32.92
CA ASN H 91 -7.94 -25.64 -33.01
C ASN H 91 -6.63 -25.12 -32.40
N CYS H 92 -6.72 -23.95 -31.75
CA CYS H 92 -5.57 -23.33 -31.08
C CYS H 92 -5.85 -23.10 -29.60
N ALA H 93 -4.82 -22.69 -28.85
CA ALA H 93 -4.95 -22.50 -27.40
C ALA H 93 -4.14 -21.32 -26.85
N THR H 94 -4.65 -20.73 -25.77
CA THR H 94 -3.99 -19.61 -25.11
C THR H 94 -3.73 -19.88 -23.62
N ILE H 95 -2.79 -19.12 -23.06
CA ILE H 95 -2.67 -18.99 -21.62
C ILE H 95 -2.74 -17.51 -21.28
N GLY H 96 -2.77 -17.21 -19.98
CA GLY H 96 -2.93 -15.84 -19.52
C GLY H 96 -4.39 -15.54 -19.28
N LEU H 97 -4.64 -14.48 -18.52
CA LEU H 97 -5.98 -14.09 -18.06
C LEU H 97 -6.59 -15.13 -17.12
N THR H 98 -6.78 -16.36 -17.62
CA THR H 98 -7.22 -17.49 -16.81
C THR H 98 -6.00 -18.18 -16.18
N LYS H 99 -6.27 -19.22 -15.39
CA LYS H 99 -5.22 -20.05 -14.80
C LYS H 99 -4.89 -21.27 -15.66
N THR H 100 -5.61 -21.44 -16.76
CA THR H 100 -5.60 -22.69 -17.53
C THR H 100 -5.14 -22.52 -18.99
N PHE H 101 -5.01 -23.65 -19.69
CA PHE H 101 -4.92 -23.65 -21.14
C PHE H 101 -6.35 -23.57 -21.67
N ASP H 102 -6.64 -22.55 -22.48
CA ASP H 102 -7.99 -22.35 -22.99
C ASP H 102 -8.03 -22.47 -24.50
N ALA H 103 -9.04 -23.15 -25.01
CA ALA H 103 -9.23 -23.28 -26.46
C ALA H 103 -9.51 -21.92 -27.09
N ALA H 104 -8.95 -21.70 -28.27
CA ALA H 104 -9.06 -20.41 -28.96
C ALA H 104 -9.06 -20.57 -30.49
N SER H 105 -9.68 -19.59 -31.15
CA SER H 105 -9.69 -19.51 -32.61
C SER H 105 -8.32 -19.11 -33.13
N CYS H 106 -7.80 -19.91 -34.05
CA CYS H 106 -6.51 -19.66 -34.67
C CYS H 106 -6.53 -18.36 -35.49
N ASP H 107 -7.74 -17.86 -35.74
CA ASP H 107 -7.97 -16.72 -36.63
C ASP H 107 -8.02 -15.36 -35.93
N ILE H 108 -8.32 -15.35 -34.63
CA ILE H 108 -8.38 -14.09 -33.87
C ILE H 108 -6.97 -13.64 -33.46
N SER H 109 -6.77 -12.32 -33.45
CA SER H 109 -5.51 -11.75 -33.00
C SER H 109 -5.38 -11.81 -31.47
N TYR H 110 -4.30 -12.44 -31.02
CA TYR H 110 -3.89 -12.38 -29.62
C TYR H 110 -2.38 -12.15 -29.56
N ARG H 111 -1.90 -11.74 -28.39
CA ARG H 111 -0.48 -11.75 -28.08
C ARG H 111 0.06 -13.17 -28.20
N ARG H 112 1.38 -13.32 -28.25
CA ARG H 112 2.00 -14.62 -28.40
C ARG H 112 3.27 -14.72 -27.55
N ILE H 113 3.62 -15.96 -27.21
CA ILE H 113 4.83 -16.24 -26.44
C ILE H 113 5.77 -17.08 -27.30
N CYS H 114 6.95 -16.52 -27.56
CA CYS H 114 7.99 -17.21 -28.34
C CYS H 114 9.06 -17.84 -27.43
N GLU H 115 9.76 -18.84 -27.96
CA GLU H 115 10.74 -19.59 -27.18
C GLU H 115 11.95 -20.01 -28.02
N LYS H 116 13.16 -19.77 -27.50
CA LYS H 116 14.39 -20.24 -28.12
C LYS H 116 15.48 -20.58 -27.09
N ASN H 117 16.54 -21.23 -27.56
CA ASN H 117 17.70 -21.57 -26.73
C ASN H 117 18.37 -20.33 -26.15
N ALA H 118 18.78 -20.40 -24.89
CA ALA H 118 19.64 -19.38 -24.30
C ALA H 118 21.05 -19.50 -24.89
N MET I 1 -2.08 -10.24 19.35
CA MET I 1 -2.12 -8.96 18.59
C MET I 1 -1.49 -7.80 19.37
N CYS I 2 -0.47 -7.19 18.77
CA CYS I 2 0.17 -6.00 19.33
C CYS I 2 0.58 -5.04 18.22
N PRO I 3 0.69 -3.73 18.53
CA PRO I 3 1.26 -2.77 17.59
C PRO I 3 2.67 -3.17 17.14
N LYS I 4 3.06 -2.70 15.97
CA LYS I 4 4.40 -2.97 15.42
C LYS I 4 5.48 -2.61 16.44
N ASP I 5 6.44 -3.52 16.60
CA ASP I 5 7.59 -3.34 17.51
C ASP I 5 7.25 -3.51 18.99
N TRP I 6 5.99 -3.85 19.27
CA TRP I 6 5.55 -4.27 20.60
C TRP I 6 5.43 -5.80 20.62
N GLU I 7 5.78 -6.41 21.77
CA GLU I 7 5.80 -7.86 21.89
C GLU I 7 4.63 -8.40 22.71
N PHE I 8 3.97 -9.43 22.19
CA PHE I 8 2.77 -9.98 22.80
C PHE I 8 3.06 -11.08 23.81
N TYR I 9 2.42 -10.99 24.97
CA TYR I 9 2.45 -12.05 25.96
C TYR I 9 1.23 -11.99 26.89
N GLN I 10 0.35 -12.97 26.71
CA GLN I 10 -0.84 -13.16 27.55
C GLN I 10 -1.66 -11.89 27.82
N ALA I 11 -2.33 -11.42 26.78
CA ALA I 11 -3.26 -10.29 26.83
C ALA I 11 -2.60 -8.90 27.02
N ARG I 12 -1.27 -8.88 27.07
CA ARG I 12 -0.53 -7.63 27.25
C ARG I 12 0.42 -7.36 26.10
N CYS I 13 0.75 -6.09 25.90
CA CYS I 13 1.73 -5.70 24.90
C CYS I 13 2.91 -4.99 25.56
N PHE I 14 4.12 -5.50 25.33
CA PHE I 14 5.33 -4.96 25.95
C PHE I 14 6.22 -4.29 24.92
N PHE I 15 6.78 -3.14 25.29
CA PHE I 15 7.71 -2.41 24.44
C PHE I 15 9.08 -2.29 25.11
N LEU I 16 10.13 -2.70 24.39
CA LEU I 16 11.50 -2.62 24.90
C LEU I 16 12.25 -1.46 24.25
N SER I 17 12.55 -0.45 25.06
CA SER I 17 13.26 0.74 24.58
C SER I 17 14.75 0.49 24.39
N THR I 18 15.34 1.21 23.44
CA THR I 18 16.79 1.25 23.29
C THR I 18 17.38 2.55 23.87
N SER I 19 16.55 3.59 23.96
CA SER I 19 16.93 4.86 24.60
C SER I 19 16.88 4.77 26.13
N GLU I 20 17.81 5.46 26.77
CA GLU I 20 17.96 5.38 28.23
C GLU I 20 17.63 6.71 28.91
N SER I 21 17.01 6.62 30.08
CA SER I 21 16.61 7.79 30.86
C SER I 21 16.32 7.41 32.32
N SER I 22 16.12 8.41 33.17
CA SER I 22 15.73 8.20 34.57
C SER I 22 14.37 7.50 34.66
N TRP I 23 13.98 7.10 35.88
CA TRP I 23 12.71 6.42 36.09
C TRP I 23 11.53 7.34 35.76
N ASN I 24 11.58 8.56 36.28
CA ASN I 24 10.56 9.57 36.01
C ASN I 24 10.40 9.86 34.51
N GLU I 25 11.53 10.00 33.82
CA GLU I 25 11.53 10.19 32.37
C GLU I 25 10.94 8.98 31.65
N SER I 26 11.28 7.79 32.12
CA SER I 26 10.75 6.54 31.56
C SER I 26 9.24 6.46 31.71
N ARG I 27 8.75 6.90 32.87
CA ARG I 27 7.31 6.95 33.13
C ARG I 27 6.60 7.87 32.12
N ASP I 28 7.15 9.07 31.91
CA ASP I 28 6.63 10.00 30.90
C ASP I 28 6.74 9.41 29.49
N PHE I 29 7.83 8.68 29.24
CA PHE I 29 8.10 8.05 27.95
C PHE I 29 7.02 7.02 27.57
N CYS I 30 6.64 6.17 28.52
CA CYS I 30 5.58 5.18 28.31
C CYS I 30 4.20 5.84 28.24
N LYS I 31 4.02 6.93 28.99
CA LYS I 31 2.77 7.70 29.00
C LYS I 31 2.43 8.26 27.62
N GLY I 32 3.45 8.76 26.92
CA GLY I 32 3.31 9.26 25.55
C GLY I 32 3.06 8.18 24.53
N LYS I 33 3.17 6.92 24.97
CA LYS I 33 2.90 5.75 24.13
C LYS I 33 1.66 5.00 24.61
N GLY I 34 0.84 5.70 25.39
CA GLY I 34 -0.42 5.14 25.94
C GLY I 34 -0.21 3.92 26.84
N SER I 35 0.93 3.87 27.51
CA SER I 35 1.36 2.71 28.28
C SER I 35 1.95 3.09 29.64
N THR I 36 2.20 2.08 30.46
CA THR I 36 2.77 2.26 31.79
C THR I 36 3.98 1.33 31.94
N LEU I 37 4.85 1.62 32.91
CA LEU I 37 6.03 0.79 33.18
C LEU I 37 5.62 -0.63 33.58
N ALA I 38 6.17 -1.61 32.87
CA ALA I 38 5.75 -3.01 32.95
C ALA I 38 5.57 -3.55 34.37
N ILE I 39 4.49 -4.30 34.57
CA ILE I 39 4.24 -5.02 35.81
C ILE I 39 4.53 -6.51 35.62
N VAL I 40 5.69 -6.93 36.11
CA VAL I 40 6.16 -8.30 35.89
C VAL I 40 5.75 -9.18 37.08
N ASN I 41 4.46 -9.45 37.18
CA ASN I 41 3.87 -10.08 38.38
C ASN I 41 3.83 -11.60 38.42
N THR I 42 4.37 -12.25 37.39
CA THR I 42 4.49 -13.72 37.36
C THR I 42 5.89 -14.15 36.92
N PRO I 43 6.35 -15.33 37.40
CA PRO I 43 7.58 -15.95 36.89
C PRO I 43 7.58 -16.13 35.38
N GLU I 44 6.39 -16.42 34.83
CA GLU I 44 6.21 -16.64 33.40
C GLU I 44 6.43 -15.37 32.58
N LYS I 45 5.91 -14.25 33.08
CA LYS I 45 6.14 -12.94 32.46
C LYS I 45 7.61 -12.54 32.54
N LEU I 46 8.24 -12.82 33.68
CA LEU I 46 9.66 -12.54 33.85
C LEU I 46 10.53 -13.28 32.83
N LYS I 47 10.27 -14.57 32.65
CA LYS I 47 11.00 -15.38 31.67
C LYS I 47 10.81 -14.92 30.22
N PHE I 48 9.58 -14.55 29.85
CA PHE I 48 9.33 -14.03 28.51
C PHE I 48 10.17 -12.79 28.23
N LEU I 49 10.16 -11.86 29.18
CA LEU I 49 10.90 -10.61 29.06
C LEU I 49 12.41 -10.83 29.09
N GLN I 50 12.86 -11.81 29.88
CA GLN I 50 14.27 -12.21 29.86
C GLN I 50 14.66 -12.73 28.49
N ASP I 51 13.78 -13.53 27.89
CA ASP I 51 14.02 -14.10 26.58
C ASP I 51 14.21 -13.04 25.48
N ILE I 52 13.49 -11.91 25.58
CA ILE I 52 13.53 -10.89 24.53
C ILE I 52 14.44 -9.68 24.80
N THR I 53 14.83 -9.47 26.06
CA THR I 53 15.72 -8.37 26.40
C THR I 53 17.18 -8.67 26.03
N ASP I 54 17.93 -7.59 25.76
CA ASP I 54 19.39 -7.67 25.65
C ASP I 54 19.99 -7.86 27.05
N ALA I 55 21.31 -8.02 27.12
CA ALA I 55 21.99 -8.15 28.41
C ALA I 55 22.21 -6.78 29.06
N GLU I 56 21.13 -6.00 29.15
CA GLU I 56 21.17 -4.67 29.75
C GLU I 56 20.13 -4.56 30.87
N LYS I 57 20.19 -3.49 31.65
CA LYS I 57 19.21 -3.23 32.70
C LYS I 57 18.00 -2.45 32.18
N TYR I 58 16.81 -2.96 32.46
CA TYR I 58 15.56 -2.31 32.04
C TYR I 58 14.69 -1.92 33.23
N PHE I 59 14.37 -0.63 33.34
CA PHE I 59 13.41 -0.14 34.33
C PHE I 59 12.04 -0.78 34.15
N ILE I 60 11.42 -1.16 35.27
CA ILE I 60 10.06 -1.72 35.28
C ILE I 60 9.22 -1.04 36.35
N GLY I 61 7.91 -1.31 36.36
CA GLY I 61 6.98 -0.65 37.28
C GLY I 61 7.02 -1.16 38.71
N LEU I 62 8.24 -1.26 39.26
CA LEU I 62 8.44 -1.75 40.63
C LEU I 62 9.15 -0.69 41.48
N ILE I 63 8.45 -0.21 42.49
CA ILE I 63 8.98 0.84 43.38
C ILE I 63 8.95 0.44 44.86
N TYR I 64 9.88 1.01 45.63
CA TYR I 64 9.96 0.77 47.07
C TYR I 64 9.39 1.94 47.87
N HIS I 65 8.49 1.63 48.80
CA HIS I 65 7.96 2.61 49.73
C HIS I 65 8.68 2.45 51.07
N ARG I 66 9.49 3.45 51.42
CA ARG I 66 10.37 3.39 52.60
C ARG I 66 9.63 3.14 53.93
N GLU I 67 8.61 3.95 54.19
CA GLU I 67 7.81 3.83 55.41
C GLU I 67 7.20 2.44 55.60
N GLU I 68 6.46 1.97 54.59
CA GLU I 68 5.83 0.64 54.60
C GLU I 68 6.86 -0.49 54.63
N LYS I 69 8.10 -0.16 54.27
CA LYS I 69 9.20 -1.12 54.15
C LYS I 69 8.84 -2.33 53.30
N ARG I 70 8.35 -2.07 52.09
CA ARG I 70 8.03 -3.11 51.12
C ARG I 70 7.94 -2.58 49.68
N TRP I 71 8.32 -3.43 48.73
CA TRP I 71 8.19 -3.13 47.30
C TRP I 71 6.75 -3.30 46.84
N ARG I 72 6.32 -2.42 45.94
CA ARG I 72 4.99 -2.51 45.32
C ARG I 72 5.08 -2.14 43.84
N TRP I 73 4.22 -2.77 43.04
CA TRP I 73 4.03 -2.37 41.65
C TRP I 73 3.32 -1.02 41.57
N ILE I 74 3.40 -0.36 40.42
CA ILE I 74 2.84 0.98 40.24
C ILE I 74 1.30 1.02 40.28
N ASN I 75 0.66 -0.14 40.10
CA ASN I 75 -0.79 -0.25 40.28
C ASN I 75 -1.17 -0.61 41.73
N ASN I 76 -0.23 -0.34 42.64
CA ASN I 76 -0.40 -0.56 44.09
C ASN I 76 -0.43 -2.03 44.53
N SER I 77 -0.48 -2.95 43.58
CA SER I 77 -0.53 -4.39 43.87
C SER I 77 0.74 -4.88 44.57
N VAL I 78 0.55 -5.85 45.48
CA VAL I 78 1.63 -6.40 46.31
C VAL I 78 2.67 -7.17 45.49
N PHE I 79 3.94 -6.85 45.72
CA PHE I 79 5.04 -7.58 45.11
C PHE I 79 5.36 -8.86 45.88
N ASN I 80 5.14 -10.00 45.24
CA ASN I 80 5.39 -11.30 45.84
C ASN I 80 6.64 -11.98 45.29
N GLY I 81 7.81 -11.48 45.72
CA GLY I 81 9.09 -12.02 45.26
C GLY I 81 10.30 -11.50 46.00
N ASN I 82 11.46 -11.62 45.36
CA ASN I 82 12.74 -11.21 45.95
C ASN I 82 13.45 -10.15 45.10
N VAL I 83 13.99 -9.12 45.76
CA VAL I 83 14.73 -8.06 45.10
C VAL I 83 16.18 -8.03 45.60
N THR I 84 17.13 -8.02 44.68
CA THR I 84 18.55 -8.03 45.01
C THR I 84 19.11 -6.61 45.14
N ASN I 85 20.33 -6.49 45.65
CA ASN I 85 21.07 -5.23 45.74
C ASN I 85 20.37 -4.13 46.55
N GLN I 86 19.55 -4.54 47.53
CA GLN I 86 18.80 -3.60 48.35
C GLN I 86 19.69 -2.83 49.32
N ASN I 87 19.64 -1.50 49.24
CA ASN I 87 20.37 -0.63 50.16
C ASN I 87 19.45 0.37 50.86
N GLN I 88 20.03 1.40 51.46
CA GLN I 88 19.25 2.41 52.20
C GLN I 88 18.82 3.61 51.34
N ASN I 89 19.01 3.50 50.03
CA ASN I 89 18.65 4.57 49.08
C ASN I 89 17.76 4.12 47.91
N PHE I 90 18.10 2.98 47.32
CA PHE I 90 17.49 2.52 46.06
C PHE I 90 15.98 2.28 46.18
N ASN I 91 15.20 3.06 45.44
CA ASN I 91 13.74 3.01 45.49
C ASN I 91 13.11 2.46 44.20
N CYS I 92 13.95 2.12 43.23
CA CYS I 92 13.50 1.58 41.96
C CYS I 92 14.14 0.22 41.68
N ALA I 93 13.75 -0.42 40.59
CA ALA I 93 14.22 -1.77 40.24
C ALA I 93 14.27 -2.03 38.73
N THR I 94 15.16 -2.93 38.32
CA THR I 94 15.31 -3.32 36.91
C THR I 94 15.25 -4.84 36.69
N ILE I 95 15.05 -5.24 35.43
CA ILE I 95 15.28 -6.62 35.00
C ILE I 95 16.20 -6.65 33.76
N GLY I 96 16.54 -7.85 33.30
CA GLY I 96 17.52 -8.01 32.22
C GLY I 96 18.92 -8.12 32.79
N LEU I 97 19.84 -8.62 31.97
CA LEU I 97 21.23 -8.92 32.39
C LEU I 97 21.24 -10.11 33.37
N THR I 98 20.82 -9.85 34.61
CA THR I 98 20.65 -10.93 35.58
C THR I 98 19.34 -11.68 35.30
N LYS I 99 19.08 -12.73 36.07
CA LYS I 99 17.80 -13.44 35.99
C LYS I 99 16.89 -13.02 37.15
N THR I 100 17.22 -11.90 37.79
CA THR I 100 16.51 -11.45 39.00
C THR I 100 15.94 -10.03 38.90
N PHE I 101 15.12 -9.66 39.88
CA PHE I 101 14.72 -8.25 40.08
C PHE I 101 15.79 -7.59 40.93
N ASP I 102 16.39 -6.52 40.41
CA ASP I 102 17.55 -5.89 41.03
C ASP I 102 17.25 -4.44 41.41
N ALA I 103 17.55 -4.08 42.66
CA ALA I 103 17.35 -2.71 43.14
C ALA I 103 18.23 -1.73 42.38
N ALA I 104 17.66 -0.58 42.04
CA ALA I 104 18.33 0.42 41.21
C ALA I 104 17.99 1.83 41.69
N SER I 105 18.92 2.76 41.44
CA SER I 105 18.66 4.18 41.70
C SER I 105 17.73 4.75 40.63
N CYS I 106 16.57 5.25 41.07
CA CYS I 106 15.60 5.90 40.19
C CYS I 106 16.23 7.00 39.34
N ASP I 107 17.33 7.58 39.83
CA ASP I 107 17.98 8.74 39.18
C ASP I 107 18.99 8.34 38.10
N ILE I 108 19.36 7.06 38.07
CA ILE I 108 20.28 6.55 37.04
C ILE I 108 19.52 6.28 35.74
N SER I 109 20.19 6.47 34.61
CA SER I 109 19.58 6.27 33.30
C SER I 109 19.71 4.83 32.82
N TYR I 110 18.55 4.20 32.61
CA TYR I 110 18.47 2.84 32.09
C TYR I 110 17.42 2.77 30.99
N ARG I 111 17.43 1.67 30.24
CA ARG I 111 16.34 1.33 29.32
C ARG I 111 15.08 1.03 30.13
N ARG I 112 13.96 0.89 29.44
CA ARG I 112 12.67 0.66 30.10
C ARG I 112 11.73 -0.24 29.28
N ILE I 113 10.83 -0.91 29.98
CA ILE I 113 9.78 -1.70 29.33
C ILE I 113 8.42 -1.08 29.64
N CYS I 114 7.69 -0.74 28.58
CA CYS I 114 6.34 -0.20 28.71
C CYS I 114 5.31 -1.30 28.47
N GLU I 115 4.11 -1.14 29.04
CA GLU I 115 3.07 -2.15 28.95
C GLU I 115 1.67 -1.54 28.77
N LYS I 116 0.87 -2.18 27.91
CA LYS I 116 -0.53 -1.79 27.69
C LYS I 116 -1.36 -3.01 27.29
N ASN I 117 -2.68 -2.84 27.30
CA ASN I 117 -3.63 -3.89 26.87
C ASN I 117 -3.45 -4.30 25.41
N ALA I 118 -3.61 -5.58 25.13
CA ALA I 118 -3.59 -6.09 23.75
C ALA I 118 -4.94 -5.91 23.09
#